data_8IPS
#
_entry.id   8IPS
#
_cell.length_a   1.00
_cell.length_b   1.00
_cell.length_c   1.00
_cell.angle_alpha   90.00
_cell.angle_beta   90.00
_cell.angle_gamma   90.00
#
_symmetry.space_group_name_H-M   'P 1'
#
loop_
_entity.id
_entity.type
_entity.pdbx_description
1 polymer 'ABC transporter, CydDC cysteine exporter (CydDC-E) family, permease/ATP-binding protein CydC'
2 polymer 'ABC transporter, CydDC cysteine exporter (CydDC-E) family, permease/ATP-binding protein CydD'
3 non-polymer 'PROTOPORPHYRIN IX CONTAINING FE'
#
loop_
_entity_poly.entity_id
_entity_poly.type
_entity_poly.pdbx_seq_one_letter_code
_entity_poly.pdbx_strand_id
1 'polypeptide(L)'
;MRALLPYLALYKRHKWMLSLGIVLAIVTLLASIGLLTLSGWFLSASAVAGVAGLYSFNYMLPAAGVRGAAITRTAGRYFE
RLVSHDATFRVLQHLRIYTFSKLLPLSPAGLARYRQGELLNRVVADVDTLDHLYLRVISPLVGAFVVIMVVTIGLSFLDF
TLAFTLGGIMLLTLFLMPPLFYRAGKSTGQNLTHLRGQYRQQLTAWLQGQAELTIFGASDRYRTQLENTEIQWLEAQRRQ
SELTALSQAIMLLIGALAVILMLWMASGGVGGNAQPGALIALFVFCALAAFEALAPVTGAFQHLGQVIASAVRITDLTDQ
KPEVTFPDTQTRVADRVSLTLRDVQFTYPEQSQQALKGISLQVNAGEHIAILGRTGCGKSTLLQLLTRAWDPQQGEILLN
DSPIASLNEAALRQTISVVPQRVHLFSATLRDNLLLASPGSSDEALSEILRRVGLEKLLEDAGLNSWLGEGGRQLSGGEL
RRLAIARALLHDAPLVLLDEPTEGLDATTESQILELLAEMMREKTVLMVTHRLRGLSRFQQIIVMDNGQIIEQGTHAELL
ARQGRYYQFKQGLHLGGIKAFDYKDDDDK
;
A
2 'polypeptide(L)'
;MNKSRQKELTRWLKQQSVISQRWLNISRLLGFVSGILIIAQAWFMARILQHMIMENIPREALLLPFTLLVLTFVLRAWVV
WLRERVGYHAGQHIRFAIRRQVLDRLQQAGPAWIQGKPAGSWATLVLEQIDDMHDYYARYLPQMALAVSVPLLIVVAIFP
SNWAAALILLGTAPLIPLFMALVGMGAADANRRNFLALARLSGHFLDRLRGMETLRIFGRGEAEIESIRSASEDFRQRTM
EVLRLAFLSSGILEFFTSLSIALVAVYFGFSYLGELDFGHYDTGVTLAAGFLALILAPEFFQPLRDLGTFYHAKAQAVGA
ADSLKTFMETPLAHPQRGEAELALTDPLTIEAEDLFITSPEGKTLAGPLNFTLPAGQRAVLVGRSGSGKSSLLNALSGFL
SYQGSLRINGIELRDLSPESWRKHLSWVGQNPQLPAATLRDNVLLARPDASEQELQAALDNAWVSEFLPLLPQGVDTPVG
DQAARLSVGQAQRVAVARALLNPCSLLLLDEPAASLDAHSEQRVMEALNAASLRQTTLMVTHQLEDLADWDVIWVMQDGR
IIEQGRYAELSVAGGPFATLLAHRQEEI
;
B
#
loop_
_chem_comp.id
_chem_comp.type
_chem_comp.name
_chem_comp.formula
HEM non-polymer 'PROTOPORPHYRIN IX CONTAINING FE' 'C34 H32 Fe N4 O4'
#
# COMPACT_ATOMS: atom_id res chain seq x y z
N MET A 1 -8.48 -24.18 5.00
CA MET A 1 -7.78 -24.38 6.26
C MET A 1 -6.43 -25.03 6.03
N ARG A 2 -6.29 -25.68 4.87
CA ARG A 2 -5.04 -26.37 4.54
C ARG A 2 -3.89 -25.38 4.43
N ALA A 3 -4.14 -24.20 3.86
CA ALA A 3 -3.07 -23.23 3.68
C ALA A 3 -2.56 -22.68 5.00
N LEU A 4 -3.40 -22.69 6.04
CA LEU A 4 -3.02 -22.12 7.33
C LEU A 4 -2.15 -23.05 8.16
N LEU A 5 -2.10 -24.34 7.83
CA LEU A 5 -1.31 -25.28 8.63
C LEU A 5 0.18 -24.97 8.63
N PRO A 6 0.84 -24.73 7.48
CA PRO A 6 2.27 -24.41 7.53
C PRO A 6 2.57 -23.12 8.27
N TYR A 7 1.58 -22.24 8.44
CA TYR A 7 1.78 -21.01 9.20
C TYR A 7 1.20 -21.08 10.61
N LEU A 8 0.26 -21.99 10.87
CA LEU A 8 -0.07 -22.31 12.24
C LEU A 8 1.03 -23.13 12.91
N ALA A 9 1.92 -23.73 12.13
CA ALA A 9 3.07 -24.44 12.69
C ALA A 9 4.23 -23.51 13.00
N LEU A 10 4.12 -22.22 12.68
CA LEU A 10 5.17 -21.26 13.01
C LEU A 10 5.03 -20.70 14.43
N TYR A 11 3.93 -20.99 15.11
CA TYR A 11 3.72 -20.50 16.46
C TYR A 11 4.35 -21.37 17.53
N LYS A 12 5.01 -22.48 17.13
CA LYS A 12 5.62 -23.38 18.10
C LYS A 12 6.81 -22.76 18.81
N ARG A 13 7.31 -21.62 18.34
CA ARG A 13 8.39 -20.94 19.06
C ARG A 13 7.86 -20.29 20.32
N HIS A 14 6.88 -19.39 20.19
CA HIS A 14 6.25 -18.73 21.33
C HIS A 14 4.85 -19.31 21.52
N LYS A 15 4.71 -20.24 22.47
CA LYS A 15 3.41 -20.78 22.82
C LYS A 15 2.92 -20.32 24.19
N TRP A 16 3.84 -20.00 25.10
CA TRP A 16 3.43 -19.59 26.45
C TRP A 16 2.65 -18.29 26.42
N MET A 17 3.07 -17.33 25.61
CA MET A 17 2.37 -16.04 25.56
C MET A 17 0.96 -16.20 25.01
N LEU A 18 0.79 -16.98 23.93
CA LEU A 18 -0.54 -17.20 23.37
C LEU A 18 -1.43 -17.94 24.37
N SER A 19 -0.88 -18.96 25.04
CA SER A 19 -1.65 -19.66 26.05
C SER A 19 -2.07 -18.72 27.17
N LEU A 20 -1.17 -17.84 27.60
CA LEU A 20 -1.51 -16.89 28.65
C LEU A 20 -2.62 -15.95 28.22
N GLY A 21 -2.57 -15.46 26.98
CA GLY A 21 -3.63 -14.59 26.49
C GLY A 21 -4.97 -15.28 26.47
N ILE A 22 -5.00 -16.51 25.95
CA ILE A 22 -6.25 -17.27 25.89
C ILE A 22 -6.80 -17.51 27.30
N VAL A 23 -5.93 -17.90 28.22
CA VAL A 23 -6.36 -18.18 29.59
C VAL A 23 -6.92 -16.92 30.25
N LEU A 24 -6.26 -15.78 30.03
CA LEU A 24 -6.72 -14.53 30.64
C LEU A 24 -8.09 -14.13 30.09
N ALA A 25 -8.30 -14.27 28.78
CA ALA A 25 -9.61 -13.95 28.22
C ALA A 25 -10.70 -14.85 28.80
N ILE A 26 -10.41 -16.15 28.90
CA ILE A 26 -11.38 -17.09 29.46
C ILE A 26 -11.71 -16.72 30.90
N VAL A 27 -10.68 -16.39 31.67
CA VAL A 27 -10.87 -16.04 33.08
C VAL A 27 -11.74 -14.80 33.22
N THR A 28 -11.49 -13.77 32.40
CA THR A 28 -12.28 -12.55 32.46
C THR A 28 -13.75 -12.83 32.15
N LEU A 29 -14.01 -13.60 31.09
CA LEU A 29 -15.40 -13.89 30.74
C LEU A 29 -16.09 -14.68 31.86
N LEU A 30 -15.41 -15.69 32.41
CA LEU A 30 -15.98 -16.47 33.49
C LEU A 30 -16.29 -15.61 34.70
N ALA A 31 -15.37 -14.69 35.04
CA ALA A 31 -15.60 -13.83 36.19
C ALA A 31 -16.82 -12.94 35.99
N SER A 32 -16.98 -12.38 34.79
CA SER A 32 -18.15 -11.54 34.54
C SER A 32 -19.44 -12.32 34.68
N ILE A 33 -19.50 -13.51 34.06
CA ILE A 33 -20.71 -14.32 34.12
C ILE A 33 -21.03 -14.70 35.56
N GLY A 34 -20.01 -15.13 36.31
CA GLY A 34 -20.23 -15.51 37.69
C GLY A 34 -20.71 -14.36 38.55
N LEU A 35 -20.16 -13.16 38.33
CA LEU A 35 -20.59 -12.01 39.11
C LEU A 35 -22.06 -11.70 38.87
N LEU A 36 -22.48 -11.67 37.61
CA LEU A 36 -23.89 -11.37 37.33
C LEU A 36 -24.81 -12.45 37.90
N THR A 37 -24.43 -13.72 37.73
CA THR A 37 -25.26 -14.81 38.25
C THR A 37 -25.37 -14.74 39.77
N LEU A 38 -24.26 -14.49 40.47
CA LEU A 38 -24.29 -14.40 41.92
C LEU A 38 -25.16 -13.25 42.38
N SER A 39 -25.05 -12.09 41.72
CA SER A 39 -25.89 -10.95 42.11
C SER A 39 -27.36 -11.29 41.97
N GLY A 40 -27.74 -11.89 40.84
CA GLY A 40 -29.14 -12.24 40.64
C GLY A 40 -29.65 -13.23 41.67
N TRP A 41 -28.88 -14.29 41.93
CA TRP A 41 -29.35 -15.29 42.88
C TRP A 41 -29.44 -14.72 44.28
N PHE A 42 -28.46 -13.89 44.68
CA PHE A 42 -28.50 -13.30 46.02
C PHE A 42 -29.72 -12.40 46.17
N LEU A 43 -30.01 -11.58 45.15
CA LEU A 43 -31.18 -10.72 45.22
C LEU A 43 -32.45 -11.54 45.41
N SER A 44 -32.63 -12.58 44.58
CA SER A 44 -33.85 -13.37 44.65
C SER A 44 -33.98 -14.10 45.98
N ALA A 45 -32.88 -14.70 46.45
CA ALA A 45 -32.92 -15.46 47.70
C ALA A 45 -33.19 -14.55 48.89
N SER A 46 -32.55 -13.38 48.93
CA SER A 46 -32.79 -12.45 50.02
C SER A 46 -34.24 -11.97 50.02
N ALA A 47 -34.78 -11.67 48.84
CA ALA A 47 -36.16 -11.22 48.76
C ALA A 47 -37.13 -12.30 49.22
N VAL A 48 -36.89 -13.55 48.82
CA VAL A 48 -37.82 -14.62 49.19
C VAL A 48 -37.64 -15.08 50.62
N ALA A 49 -36.48 -14.81 51.24
CA ALA A 49 -36.26 -15.23 52.62
C ALA A 49 -37.11 -14.42 53.59
N GLY A 50 -37.26 -13.13 53.35
CA GLY A 50 -38.06 -12.28 54.21
C GLY A 50 -37.31 -11.81 55.44
N VAL A 51 -38.04 -11.07 56.28
CA VAL A 51 -37.45 -10.51 57.49
C VAL A 51 -37.03 -11.60 58.46
N ALA A 52 -37.88 -12.63 58.62
CA ALA A 52 -37.59 -13.69 59.58
C ALA A 52 -36.65 -14.73 58.98
N GLY A 53 -35.52 -14.27 58.44
CA GLY A 53 -34.52 -15.16 57.89
C GLY A 53 -33.11 -14.67 58.14
N LEU A 54 -32.98 -13.57 58.86
CA LEU A 54 -31.66 -12.98 59.10
C LEU A 54 -30.78 -13.88 59.96
N TYR A 55 -31.38 -14.69 60.84
CA TYR A 55 -30.62 -15.61 61.67
C TYR A 55 -30.37 -16.94 61.00
N SER A 56 -30.97 -17.19 59.83
CA SER A 56 -30.76 -18.42 59.08
C SER A 56 -30.12 -18.17 57.72
N PHE A 57 -29.61 -16.97 57.47
CA PHE A 57 -29.00 -16.62 56.20
C PHE A 57 -27.61 -16.06 56.48
N ASN A 58 -26.59 -16.87 56.21
CA ASN A 58 -25.20 -16.44 56.39
C ASN A 58 -24.76 -15.74 55.11
N TYR A 59 -24.87 -14.41 55.10
CA TYR A 59 -24.51 -13.61 53.94
C TYR A 59 -23.02 -13.30 53.85
N MET A 60 -22.23 -13.74 54.83
CA MET A 60 -20.80 -13.45 54.81
C MET A 60 -20.10 -14.20 53.67
N LEU A 61 -20.48 -15.45 53.44
CA LEU A 61 -19.84 -16.24 52.39
C LEU A 61 -20.02 -15.66 50.99
N PRO A 62 -21.22 -15.24 50.56
CA PRO A 62 -21.37 -14.71 49.20
C PRO A 62 -20.80 -13.32 48.97
N ALA A 63 -20.03 -12.76 49.91
CA ALA A 63 -19.38 -11.48 49.70
C ALA A 63 -17.98 -11.65 49.11
N ALA A 64 -17.26 -12.70 49.53
CA ALA A 64 -15.98 -12.99 48.92
C ALA A 64 -16.10 -13.20 47.43
N GLY A 65 -17.21 -13.82 46.99
CA GLY A 65 -17.42 -14.02 45.56
C GLY A 65 -17.56 -12.71 44.81
N VAL A 66 -18.39 -11.79 45.34
CA VAL A 66 -18.63 -10.52 44.66
C VAL A 66 -17.45 -9.57 44.77
N ARG A 67 -16.49 -9.86 45.67
CA ARG A 67 -15.24 -9.10 45.66
C ARG A 67 -14.23 -9.69 44.67
N GLY A 68 -14.02 -11.00 44.75
CA GLY A 68 -13.06 -11.65 43.88
C GLY A 68 -13.42 -11.55 42.42
N ALA A 69 -14.73 -11.60 42.11
CA ALA A 69 -15.13 -11.50 40.71
C ALA A 69 -14.71 -10.16 40.11
N ALA A 70 -14.95 -9.06 40.83
CA ALA A 70 -14.56 -7.75 40.33
C ALA A 70 -13.06 -7.64 40.18
N ILE A 71 -12.31 -8.04 41.22
CA ILE A 71 -10.85 -7.89 41.18
C ILE A 71 -10.28 -8.71 40.03
N THR A 72 -10.72 -9.96 39.91
CA THR A 72 -10.22 -10.84 38.86
C THR A 72 -10.57 -10.32 37.48
N ARG A 73 -11.80 -9.83 37.30
CA ARG A 73 -12.20 -9.33 35.99
C ARG A 73 -11.33 -8.15 35.56
N THR A 74 -11.10 -7.20 36.48
CA THR A 74 -10.29 -6.04 36.14
C THR A 74 -8.86 -6.44 35.77
N ALA A 75 -8.21 -7.22 36.66
CA ALA A 75 -6.82 -7.59 36.41
C ALA A 75 -6.69 -8.42 35.13
N GLY A 76 -7.63 -9.35 34.91
CA GLY A 76 -7.60 -10.16 33.72
C GLY A 76 -7.73 -9.35 32.45
N ARG A 77 -8.67 -8.39 32.43
CA ARG A 77 -8.81 -7.54 31.26
C ARG A 77 -7.51 -6.81 30.94
N TYR A 78 -6.94 -6.14 31.96
CA TYR A 78 -5.73 -5.36 31.72
C TYR A 78 -4.59 -6.23 31.20
N PHE A 79 -4.30 -7.33 31.91
CA PHE A 79 -3.14 -8.13 31.54
C PHE A 79 -3.38 -8.91 30.26
N GLU A 80 -4.63 -9.25 29.95
CA GLU A 80 -4.91 -9.89 28.66
C GLU A 80 -4.62 -8.94 27.52
N ARG A 81 -5.04 -7.69 27.62
CA ARG A 81 -4.69 -6.70 26.59
C ARG A 81 -3.18 -6.63 26.41
N LEU A 82 -2.46 -6.50 27.53
CA LEU A 82 -1.01 -6.34 27.44
C LEU A 82 -0.35 -7.55 26.78
N VAL A 83 -0.71 -8.76 27.23
CA VAL A 83 -0.05 -9.97 26.73
C VAL A 83 -0.37 -10.20 25.26
N SER A 84 -1.62 -9.95 24.85
CA SER A 84 -1.96 -10.11 23.45
C SER A 84 -1.15 -9.16 22.58
N HIS A 85 -1.03 -7.90 23.02
CA HIS A 85 -0.27 -6.95 22.20
C HIS A 85 1.23 -7.24 22.20
N ASP A 86 1.73 -7.98 23.19
CA ASP A 86 3.13 -8.43 23.12
C ASP A 86 3.29 -9.57 22.11
N ALA A 87 2.41 -10.57 22.20
CA ALA A 87 2.54 -11.74 21.34
C ALA A 87 2.38 -11.36 19.87
N THR A 88 1.51 -10.39 19.57
CA THR A 88 1.32 -9.99 18.18
C THR A 88 2.62 -9.44 17.59
N PHE A 89 3.32 -8.58 18.33
CA PHE A 89 4.56 -8.02 17.83
C PHE A 89 5.63 -9.09 17.64
N ARG A 90 5.74 -10.02 18.60
CA ARG A 90 6.74 -11.07 18.45
C ARG A 90 6.47 -11.91 17.19
N VAL A 91 5.21 -12.28 16.98
CA VAL A 91 4.85 -13.07 15.80
C VAL A 91 5.15 -12.29 14.52
N LEU A 92 4.87 -10.98 14.52
CA LEU A 92 5.15 -10.17 13.33
C LEU A 92 6.63 -10.18 12.99
N GLN A 93 7.48 -9.99 14.01
CA GLN A 93 8.92 -9.99 13.75
C GLN A 93 9.37 -11.33 13.18
N HIS A 94 8.90 -12.43 13.77
CA HIS A 94 9.31 -13.75 13.27
C HIS A 94 8.86 -13.94 11.83
N LEU A 95 7.63 -13.52 11.51
CA LEU A 95 7.12 -13.68 10.14
C LEU A 95 7.97 -12.90 9.14
N ARG A 96 8.31 -11.66 9.47
CA ARG A 96 9.12 -10.86 8.55
C ARG A 96 10.49 -11.50 8.34
N ILE A 97 11.14 -11.95 9.41
CA ILE A 97 12.46 -12.56 9.28
C ILE A 97 12.38 -13.81 8.40
N TYR A 98 11.39 -14.66 8.64
CA TYR A 98 11.25 -15.88 7.86
C TYR A 98 11.00 -15.58 6.39
N THR A 99 10.12 -14.63 6.10
CA THR A 99 9.81 -14.30 4.71
C THR A 99 11.05 -13.78 3.98
N PHE A 100 11.79 -12.86 4.60
CA PHE A 100 12.99 -12.35 3.93
C PHE A 100 14.02 -13.45 3.73
N SER A 101 14.21 -14.31 4.74
CA SER A 101 15.19 -15.37 4.61
C SER A 101 14.84 -16.36 3.51
N LYS A 102 13.55 -16.69 3.35
CA LYS A 102 13.15 -17.61 2.30
C LYS A 102 13.06 -16.94 0.93
N LEU A 103 12.99 -15.61 0.88
CA LEU A 103 12.95 -14.93 -0.41
C LEU A 103 14.32 -14.51 -0.92
N LEU A 104 15.32 -14.46 -0.06
CA LEU A 104 16.65 -14.02 -0.49
C LEU A 104 17.27 -14.91 -1.57
N PRO A 105 17.35 -16.25 -1.43
CA PRO A 105 18.18 -17.03 -2.37
C PRO A 105 17.75 -16.93 -3.83
N LEU A 106 16.45 -16.86 -4.10
CA LEU A 106 15.95 -16.90 -5.47
C LEU A 106 15.77 -15.50 -6.07
N SER A 107 16.80 -14.67 -5.96
CA SER A 107 16.70 -13.31 -6.48
C SER A 107 16.86 -13.24 -8.00
N PRO A 108 17.95 -13.78 -8.61
CA PRO A 108 18.11 -13.58 -10.06
C PRO A 108 17.18 -14.46 -10.89
N ALA A 109 17.13 -15.75 -10.56
CA ALA A 109 16.24 -16.69 -11.25
C ALA A 109 14.98 -16.89 -10.41
N GLY A 110 14.25 -15.79 -10.26
CA GLY A 110 13.08 -15.76 -9.40
C GLY A 110 12.57 -14.34 -9.32
N LEU A 111 11.25 -14.18 -9.19
CA LEU A 111 10.54 -12.91 -9.29
C LEU A 111 10.57 -12.35 -10.70
N ALA A 112 11.28 -12.98 -11.63
CA ALA A 112 11.30 -12.59 -13.03
C ALA A 112 10.18 -13.26 -13.83
N ARG A 113 9.48 -14.22 -13.23
CA ARG A 113 8.32 -14.84 -13.84
C ARG A 113 7.06 -13.98 -13.70
N TYR A 114 7.15 -12.89 -12.94
CA TYR A 114 6.06 -11.94 -12.81
C TYR A 114 6.62 -10.54 -13.06
N ARG A 115 5.80 -9.53 -12.81
CA ARG A 115 6.23 -8.14 -12.88
C ARG A 115 6.73 -7.77 -11.48
N GLN A 116 8.00 -7.34 -11.40
CA GLN A 116 8.63 -7.13 -10.10
C GLN A 116 7.86 -6.10 -9.27
N GLY A 117 7.44 -5.00 -9.89
CA GLY A 117 6.65 -4.03 -9.18
C GLY A 117 5.27 -4.55 -8.82
N GLU A 118 4.66 -3.91 -7.83
CA GLU A 118 3.35 -4.24 -7.26
C GLU A 118 3.27 -5.66 -6.72
N LEU A 119 4.39 -6.38 -6.61
CA LEU A 119 4.43 -7.68 -5.96
C LEU A 119 4.82 -7.54 -4.48
N LEU A 120 5.82 -6.69 -4.21
CA LEU A 120 6.34 -6.54 -2.86
C LEU A 120 5.30 -5.89 -1.96
N ASN A 121 4.54 -4.93 -2.49
CA ASN A 121 3.46 -4.32 -1.74
C ASN A 121 2.40 -5.36 -1.37
N ARG A 122 2.08 -6.25 -2.31
CA ARG A 122 1.16 -7.34 -2.01
C ARG A 122 1.71 -8.24 -0.92
N VAL A 123 3.02 -8.50 -0.94
CA VAL A 123 3.63 -9.32 0.11
C VAL A 123 3.48 -8.67 1.48
N VAL A 124 3.74 -7.36 1.55
CA VAL A 124 3.63 -6.65 2.82
C VAL A 124 2.19 -6.66 3.32
N ALA A 125 1.24 -6.39 2.43
CA ALA A 125 -0.16 -6.42 2.82
C ALA A 125 -0.57 -7.80 3.30
N ASP A 126 -0.04 -8.85 2.66
CA ASP A 126 -0.33 -10.21 3.09
C ASP A 126 0.20 -10.48 4.49
N VAL A 127 1.41 -10.01 4.80
CA VAL A 127 1.95 -10.21 6.14
C VAL A 127 1.08 -9.52 7.19
N ASP A 128 0.62 -8.30 6.88
CA ASP A 128 -0.29 -7.62 7.80
C ASP A 128 -1.58 -8.41 7.99
N THR A 129 -2.16 -8.91 6.90
CA THR A 129 -3.37 -9.72 7.02
C THR A 129 -3.11 -10.97 7.85
N LEU A 130 -1.89 -11.50 7.82
CA LEU A 130 -1.57 -12.68 8.62
C LEU A 130 -1.52 -12.39 10.12
N ASP A 131 -0.95 -11.25 10.52
CA ASP A 131 -0.96 -10.98 11.96
C ASP A 131 -2.40 -10.71 12.44
N HIS A 132 -3.17 -10.00 11.61
CA HIS A 132 -4.59 -9.84 11.89
C HIS A 132 -5.28 -11.19 12.01
N LEU A 133 -4.94 -12.13 11.13
CA LEU A 133 -5.39 -13.51 11.25
C LEU A 133 -5.16 -14.02 12.66
N TYR A 134 -3.88 -14.05 13.07
CA TYR A 134 -3.56 -14.63 14.37
C TYR A 134 -4.52 -14.10 15.42
N LEU A 135 -4.50 -12.79 15.64
CA LEU A 135 -5.27 -12.26 16.76
C LEU A 135 -6.76 -12.53 16.55
N ARG A 136 -7.33 -11.90 15.51
CA ARG A 136 -8.77 -11.81 15.37
C ARG A 136 -9.43 -13.17 15.18
N VAL A 137 -8.71 -14.15 14.65
CA VAL A 137 -9.30 -15.46 14.44
C VAL A 137 -9.03 -16.39 15.60
N ILE A 138 -7.77 -16.48 16.06
CA ILE A 138 -7.42 -17.49 17.05
C ILE A 138 -8.09 -17.20 18.39
N SER A 139 -8.07 -15.93 18.85
CA SER A 139 -8.51 -15.68 20.22
C SER A 139 -10.00 -15.98 20.44
N PRO A 140 -10.94 -15.36 19.72
CA PRO A 140 -12.35 -15.46 20.14
C PRO A 140 -12.92 -16.86 20.06
N LEU A 141 -12.56 -17.65 19.05
CA LEU A 141 -13.17 -18.96 18.89
C LEU A 141 -12.82 -19.88 20.05
N VAL A 142 -11.53 -19.98 20.38
CA VAL A 142 -11.12 -20.83 21.50
C VAL A 142 -11.70 -20.31 22.80
N GLY A 143 -11.65 -18.99 23.01
CA GLY A 143 -12.21 -18.43 24.24
C GLY A 143 -13.67 -18.79 24.41
N ALA A 144 -14.46 -18.60 23.34
CA ALA A 144 -15.89 -18.87 23.41
C ALA A 144 -16.16 -20.35 23.64
N PHE A 145 -15.42 -21.23 22.95
CA PHE A 145 -15.65 -22.66 23.11
C PHE A 145 -15.39 -23.10 24.56
N VAL A 146 -14.27 -22.65 25.13
CA VAL A 146 -13.96 -23.06 26.50
C VAL A 146 -14.98 -22.49 27.47
N VAL A 147 -15.38 -21.23 27.28
CA VAL A 147 -16.35 -20.61 28.18
C VAL A 147 -17.67 -21.36 28.12
N ILE A 148 -18.11 -21.73 26.91
CA ILE A 148 -19.38 -22.43 26.74
C ILE A 148 -19.31 -23.79 27.44
N MET A 149 -18.21 -24.51 27.26
CA MET A 149 -18.08 -25.83 27.88
C MET A 149 -18.14 -25.72 29.40
N VAL A 150 -17.42 -24.74 29.97
CA VAL A 150 -17.39 -24.59 31.42
C VAL A 150 -18.77 -24.22 31.96
N VAL A 151 -19.44 -23.28 31.28
CA VAL A 151 -20.78 -22.88 31.73
C VAL A 151 -21.73 -24.06 31.66
N THR A 152 -21.66 -24.83 30.58
CA THR A 152 -22.54 -25.98 30.41
C THR A 152 -22.34 -27.02 31.50
N ILE A 153 -21.10 -27.38 31.83
CA ILE A 153 -20.91 -28.35 32.91
C ILE A 153 -21.31 -27.79 34.27
N GLY A 154 -20.99 -26.53 34.55
CA GLY A 154 -21.40 -25.92 35.81
C GLY A 154 -22.90 -25.92 36.00
N LEU A 155 -23.65 -25.60 34.95
CA LEU A 155 -25.10 -25.66 35.03
C LEU A 155 -25.62 -27.10 35.09
N SER A 156 -24.97 -28.02 34.36
CA SER A 156 -25.40 -29.41 34.38
C SER A 156 -25.25 -30.02 35.76
N PHE A 157 -24.34 -29.48 36.58
CA PHE A 157 -24.26 -29.94 37.96
C PHE A 157 -25.58 -29.77 38.70
N LEU A 158 -26.38 -28.78 38.34
CA LEU A 158 -27.68 -28.58 38.97
C LEU A 158 -28.76 -29.46 38.35
N ASP A 159 -29.04 -29.25 37.06
CA ASP A 159 -30.07 -30.02 36.38
C ASP A 159 -29.67 -30.15 34.91
N PHE A 160 -29.80 -31.37 34.38
CA PHE A 160 -29.22 -31.68 33.08
C PHE A 160 -30.00 -31.07 31.92
N THR A 161 -31.34 -31.10 31.97
CA THR A 161 -32.13 -30.80 30.77
C THR A 161 -31.91 -29.37 30.30
N LEU A 162 -32.10 -28.40 31.19
CA LEU A 162 -31.91 -27.00 30.80
C LEU A 162 -30.47 -26.72 30.42
N ALA A 163 -29.53 -27.27 31.17
CA ALA A 163 -28.12 -27.03 30.88
C ALA A 163 -27.75 -27.52 29.49
N PHE A 164 -28.19 -28.72 29.12
CA PHE A 164 -27.83 -29.22 27.81
C PHE A 164 -28.63 -28.55 26.69
N THR A 165 -29.84 -28.08 26.95
CA THR A 165 -30.52 -27.27 25.94
C THR A 165 -29.75 -25.97 25.68
N LEU A 166 -29.29 -25.31 26.73
CA LEU A 166 -28.49 -24.10 26.56
C LEU A 166 -27.19 -24.39 25.83
N GLY A 167 -26.52 -25.48 26.20
CA GLY A 167 -25.29 -25.84 25.52
C GLY A 167 -25.50 -26.15 24.05
N GLY A 168 -26.59 -26.86 23.74
CA GLY A 168 -26.89 -27.13 22.34
C GLY A 168 -27.20 -25.87 21.55
N ILE A 169 -27.94 -24.94 22.16
CA ILE A 169 -28.24 -23.68 21.49
C ILE A 169 -26.95 -22.93 21.17
N MET A 170 -26.07 -22.80 22.16
CA MET A 170 -24.82 -22.06 21.93
C MET A 170 -23.93 -22.79 20.93
N LEU A 171 -23.86 -24.11 21.00
CA LEU A 171 -23.02 -24.86 20.08
C LEU A 171 -23.52 -24.73 18.64
N LEU A 172 -24.84 -24.85 18.45
CA LEU A 172 -25.39 -24.70 17.11
C LEU A 172 -25.21 -23.28 16.59
N THR A 173 -25.32 -22.27 17.46
CA THR A 173 -25.07 -20.91 17.03
C THR A 173 -23.61 -20.72 16.61
N LEU A 174 -22.68 -21.28 17.37
CA LEU A 174 -21.26 -21.05 17.10
C LEU A 174 -20.79 -21.83 15.86
N PHE A 175 -21.25 -23.07 15.70
CA PHE A 175 -20.69 -23.94 14.67
C PHE A 175 -21.40 -23.79 13.33
N LEU A 176 -22.73 -23.79 13.31
CA LEU A 176 -23.45 -23.85 12.05
C LEU A 176 -23.34 -22.56 11.26
N MET A 177 -23.48 -21.41 11.93
CA MET A 177 -23.67 -20.15 11.21
C MET A 177 -22.47 -19.75 10.35
N PRO A 178 -21.23 -19.70 10.83
CA PRO A 178 -20.14 -19.14 10.01
C PRO A 178 -19.95 -19.90 8.70
N PRO A 179 -20.03 -21.23 8.67
CA PRO A 179 -20.02 -21.91 7.36
C PRO A 179 -21.17 -21.49 6.47
N LEU A 180 -22.35 -21.24 7.03
CA LEU A 180 -23.50 -20.87 6.23
C LEU A 180 -23.43 -19.44 5.72
N PHE A 181 -22.54 -18.61 6.27
CA PHE A 181 -22.34 -17.25 5.82
C PHE A 181 -21.07 -17.10 4.98
N TYR A 182 -20.62 -18.18 4.33
CA TYR A 182 -19.34 -18.22 3.65
C TYR A 182 -19.47 -18.57 2.17
N ARG A 183 -20.65 -18.37 1.58
CA ARG A 183 -20.86 -18.65 0.16
C ARG A 183 -21.14 -17.38 -0.64
N ALA A 184 -22.18 -16.64 -0.25
CA ALA A 184 -22.41 -15.34 -0.86
C ALA A 184 -21.26 -14.40 -0.56
N GLY A 185 -20.62 -14.56 0.60
CA GLY A 185 -19.41 -13.81 0.88
C GLY A 185 -18.32 -14.07 -0.13
N LYS A 186 -18.10 -15.35 -0.46
CA LYS A 186 -17.10 -15.70 -1.47
C LYS A 186 -17.44 -15.09 -2.82
N SER A 187 -18.71 -15.22 -3.22
CA SER A 187 -19.13 -14.68 -4.52
C SER A 187 -18.92 -13.18 -4.60
N THR A 188 -19.40 -12.45 -3.58
CA THR A 188 -19.27 -11.00 -3.56
C THR A 188 -17.81 -10.58 -3.48
N GLY A 189 -16.99 -11.33 -2.73
CA GLY A 189 -15.57 -11.00 -2.67
C GLY A 189 -14.88 -11.15 -4.01
N GLN A 190 -15.20 -12.22 -4.74
CA GLN A 190 -14.62 -12.40 -6.08
C GLN A 190 -15.04 -11.25 -7.00
N ASN A 191 -16.33 -10.91 -6.99
CA ASN A 191 -16.81 -9.82 -7.85
C ASN A 191 -16.13 -8.51 -7.49
N LEU A 192 -16.01 -8.22 -6.18
CA LEU A 192 -15.39 -6.99 -5.74
C LEU A 192 -13.92 -6.92 -6.12
N THR A 193 -13.20 -8.04 -6.00
CA THR A 193 -11.79 -8.05 -6.39
C THR A 193 -11.64 -7.78 -7.89
N HIS A 194 -12.48 -8.42 -8.71
CA HIS A 194 -12.44 -8.17 -10.14
C HIS A 194 -12.70 -6.70 -10.46
N LEU A 195 -13.73 -6.12 -9.84
CA LEU A 195 -14.07 -4.73 -10.11
C LEU A 195 -12.96 -3.79 -9.65
N ARG A 196 -12.36 -4.05 -8.50
CA ARG A 196 -11.28 -3.20 -8.00
C ARG A 196 -10.07 -3.26 -8.93
N GLY A 197 -9.73 -4.46 -9.42
CA GLY A 197 -8.64 -4.56 -10.38
C GLY A 197 -8.91 -3.76 -11.64
N GLN A 198 -10.13 -3.88 -12.17
CA GLN A 198 -10.48 -3.12 -13.37
C GLN A 198 -10.39 -1.62 -13.12
N TYR A 199 -10.90 -1.16 -11.98
CA TYR A 199 -10.87 0.27 -11.68
C TYR A 199 -9.44 0.78 -11.56
N ARG A 200 -8.58 0.03 -10.88
CA ARG A 200 -7.19 0.45 -10.75
C ARG A 200 -6.50 0.52 -12.10
N GLN A 201 -6.75 -0.48 -12.96
CA GLN A 201 -6.15 -0.46 -14.29
C GLN A 201 -6.59 0.77 -15.08
N GLN A 202 -7.88 1.07 -15.05
CA GLN A 202 -8.39 2.22 -15.81
C GLN A 202 -7.83 3.53 -15.25
N LEU A 203 -7.76 3.64 -13.91
CA LEU A 203 -7.23 4.86 -13.31
C LEU A 203 -5.78 5.08 -13.70
N THR A 204 -4.96 4.02 -13.64
CA THR A 204 -3.56 4.15 -14.01
C THR A 204 -3.43 4.53 -15.49
N ALA A 205 -4.22 3.91 -16.36
CA ALA A 205 -4.16 4.23 -17.78
C ALA A 205 -4.52 5.70 -18.02
N TRP A 206 -5.58 6.19 -17.38
CA TRP A 206 -5.98 7.59 -17.56
C TRP A 206 -4.90 8.53 -17.05
N LEU A 207 -4.35 8.26 -15.87
CA LEU A 207 -3.36 9.16 -15.30
C LEU A 207 -2.10 9.20 -16.15
N GLN A 208 -1.70 8.06 -16.73
CA GLN A 208 -0.51 8.05 -17.57
C GLN A 208 -0.78 8.71 -18.92
N GLY A 209 -1.97 8.50 -19.49
CA GLY A 209 -2.28 9.04 -20.79
C GLY A 209 -2.76 10.47 -20.82
N GLN A 210 -2.94 11.10 -19.66
CA GLN A 210 -3.37 12.50 -19.61
C GLN A 210 -2.53 13.44 -20.46
N ALA A 211 -1.32 13.03 -20.87
CA ALA A 211 -0.49 13.88 -21.70
C ALA A 211 -1.02 13.99 -23.12
N GLU A 212 -1.51 12.88 -23.69
CA GLU A 212 -2.04 12.88 -25.04
C GLU A 212 -3.56 13.00 -25.10
N LEU A 213 -4.25 12.55 -24.05
CA LEU A 213 -5.71 12.62 -24.02
C LEU A 213 -6.23 14.05 -23.96
N THR A 214 -5.37 15.03 -23.69
CA THR A 214 -5.75 16.43 -23.70
C THR A 214 -5.46 17.10 -25.04
N ILE A 215 -4.30 16.84 -25.65
CA ILE A 215 -4.01 17.41 -26.96
C ILE A 215 -4.95 16.84 -28.01
N PHE A 216 -5.14 15.52 -28.01
CA PHE A 216 -6.21 14.90 -28.78
C PHE A 216 -7.43 14.86 -27.88
N GLY A 217 -8.44 15.68 -28.19
CA GLY A 217 -9.53 15.83 -27.25
C GLY A 217 -10.22 14.52 -26.97
N ALA A 218 -9.88 13.92 -25.84
CA ALA A 218 -10.48 12.65 -25.41
C ALA A 218 -10.79 12.59 -23.92
N SER A 219 -10.17 13.40 -23.08
CA SER A 219 -10.26 13.20 -21.64
C SER A 219 -11.56 13.74 -21.08
N ASP A 220 -12.67 13.33 -21.69
CA ASP A 220 -13.99 13.55 -21.13
C ASP A 220 -14.79 12.27 -21.24
N ARG A 221 -14.42 11.43 -22.22
CA ARG A 221 -15.08 10.15 -22.45
C ARG A 221 -14.49 9.02 -21.64
N TYR A 222 -13.43 9.26 -20.87
CA TYR A 222 -12.83 8.25 -20.02
C TYR A 222 -13.10 8.46 -18.55
N ARG A 223 -13.27 9.71 -18.11
CA ARG A 223 -13.77 9.96 -16.76
C ARG A 223 -15.14 9.34 -16.57
N THR A 224 -15.96 9.31 -17.62
CA THR A 224 -17.27 8.66 -17.54
C THR A 224 -17.13 7.16 -17.29
N GLN A 225 -16.19 6.50 -17.99
CA GLN A 225 -15.95 5.08 -17.76
C GLN A 225 -15.45 4.83 -16.34
N LEU A 226 -14.55 5.70 -15.86
CA LEU A 226 -14.07 5.58 -14.49
C LEU A 226 -15.22 5.70 -13.50
N GLU A 227 -16.11 6.67 -13.73
CA GLU A 227 -17.25 6.85 -12.83
C GLU A 227 -18.17 5.63 -12.85
N ASN A 228 -18.41 5.07 -14.04
CA ASN A 228 -19.28 3.89 -14.13
C ASN A 228 -18.69 2.70 -13.39
N THR A 229 -17.37 2.48 -13.56
CA THR A 229 -16.72 1.39 -12.83
C THR A 229 -16.79 1.61 -11.32
N GLU A 230 -16.61 2.87 -10.89
CA GLU A 230 -16.74 3.19 -9.47
C GLU A 230 -18.15 2.90 -8.97
N ILE A 231 -19.16 3.21 -9.78
CA ILE A 231 -20.54 2.94 -9.40
C ILE A 231 -20.78 1.45 -9.22
N GLN A 232 -20.27 0.64 -10.14
CA GLN A 232 -20.42 -0.81 -10.02
C GLN A 232 -19.73 -1.32 -8.75
N TRP A 233 -18.53 -0.80 -8.47
CA TRP A 233 -17.80 -1.20 -7.27
C TRP A 233 -18.59 -0.86 -6.01
N LEU A 234 -19.16 0.33 -5.96
CA LEU A 234 -19.97 0.73 -4.81
C LEU A 234 -21.21 -0.14 -4.69
N GLU A 235 -21.82 -0.55 -5.81
CA GLU A 235 -22.95 -1.46 -5.76
C GLU A 235 -22.56 -2.79 -5.14
N ALA A 236 -21.39 -3.32 -5.51
CA ALA A 236 -20.93 -4.57 -4.89
C ALA A 236 -20.72 -4.40 -3.39
N GLN A 237 -20.12 -3.28 -2.98
CA GLN A 237 -19.90 -3.05 -1.56
C GLN A 237 -21.22 -2.97 -0.80
N ARG A 238 -22.22 -2.31 -1.38
CA ARG A 238 -23.53 -2.24 -0.74
C ARG A 238 -24.16 -3.62 -0.62
N ARG A 239 -24.03 -4.44 -1.66
CA ARG A 239 -24.57 -5.80 -1.58
C ARG A 239 -23.89 -6.62 -0.50
N GLN A 240 -22.61 -6.32 -0.21
CA GLN A 240 -21.94 -7.02 0.88
C GLN A 240 -22.42 -6.53 2.24
N SER A 241 -22.60 -5.22 2.40
CA SER A 241 -23.05 -4.68 3.68
C SER A 241 -24.45 -5.15 4.04
N GLU A 242 -25.34 -5.21 3.05
CA GLU A 242 -26.69 -5.69 3.30
C GLU A 242 -26.67 -7.12 3.85
N LEU A 243 -25.68 -7.92 3.44
CA LEU A 243 -25.53 -9.25 4.01
C LEU A 243 -24.94 -9.18 5.41
N THR A 244 -23.96 -8.31 5.64
CA THR A 244 -23.29 -8.32 6.95
C THR A 244 -24.18 -7.82 8.07
N ALA A 245 -25.26 -7.09 7.77
CA ALA A 245 -26.18 -6.68 8.85
C ALA A 245 -26.98 -7.87 9.40
N LEU A 246 -27.29 -8.84 8.53
CA LEU A 246 -28.12 -9.97 8.93
C LEU A 246 -27.48 -10.78 10.05
N SER A 247 -26.15 -10.81 10.10
CA SER A 247 -25.47 -11.56 11.16
C SER A 247 -25.82 -11.02 12.54
N GLN A 248 -25.73 -9.70 12.71
CA GLN A 248 -26.09 -9.09 13.99
C GLN A 248 -27.58 -9.28 14.29
N ALA A 249 -28.43 -9.12 13.28
CA ALA A 249 -29.86 -9.32 13.51
C ALA A 249 -30.14 -10.74 14.02
N ILE A 250 -29.56 -11.74 13.38
CA ILE A 250 -29.81 -13.12 13.75
C ILE A 250 -29.22 -13.43 15.11
N MET A 251 -28.05 -12.85 15.44
CA MET A 251 -27.46 -13.07 16.75
C MET A 251 -28.38 -12.56 17.87
N LEU A 252 -28.91 -11.35 17.70
CA LEU A 252 -29.83 -10.84 18.71
C LEU A 252 -31.08 -11.71 18.82
N LEU A 253 -31.62 -12.15 17.68
CA LEU A 253 -32.80 -13.01 17.73
C LEU A 253 -32.51 -14.32 18.45
N ILE A 254 -31.32 -14.90 18.22
CA ILE A 254 -30.97 -16.16 18.87
C ILE A 254 -30.84 -15.97 20.38
N GLY A 255 -30.22 -14.86 20.81
CA GLY A 255 -30.16 -14.58 22.23
C GLY A 255 -31.53 -14.45 22.86
N ALA A 256 -32.44 -13.77 22.17
CA ALA A 256 -33.81 -13.66 22.67
C ALA A 256 -34.47 -15.03 22.77
N LEU A 257 -34.27 -15.88 21.77
CA LEU A 257 -34.85 -17.22 21.80
C LEU A 257 -34.33 -18.02 22.99
N ALA A 258 -33.02 -17.94 23.25
CA ALA A 258 -32.45 -18.69 24.36
C ALA A 258 -33.02 -18.20 25.69
N VAL A 259 -33.14 -16.87 25.87
CA VAL A 259 -33.65 -16.34 27.12
C VAL A 259 -35.10 -16.77 27.33
N ILE A 260 -35.92 -16.69 26.27
CA ILE A 260 -37.32 -17.07 26.38
C ILE A 260 -37.45 -18.55 26.70
N LEU A 261 -36.64 -19.39 26.05
CA LEU A 261 -36.68 -20.82 26.31
C LEU A 261 -36.32 -21.12 27.77
N MET A 262 -35.29 -20.43 28.29
CA MET A 262 -34.93 -20.62 29.70
C MET A 262 -36.07 -20.23 30.62
N LEU A 263 -36.69 -19.07 30.35
CA LEU A 263 -37.78 -18.60 31.21
C LEU A 263 -38.95 -19.56 31.19
N TRP A 264 -39.27 -20.13 30.03
CA TRP A 264 -40.41 -21.05 29.98
C TRP A 264 -40.08 -22.41 30.57
N MET A 265 -38.85 -22.90 30.37
CA MET A 265 -38.51 -24.24 30.84
C MET A 265 -38.29 -24.29 32.35
N ALA A 266 -37.62 -23.28 32.92
CA ALA A 266 -37.29 -23.32 34.35
C ALA A 266 -38.47 -23.01 35.25
N SER A 267 -39.69 -22.95 34.71
CA SER A 267 -40.85 -22.55 35.48
C SER A 267 -41.66 -23.72 36.01
N GLY A 268 -41.23 -24.96 35.75
CA GLY A 268 -42.07 -26.10 36.04
C GLY A 268 -41.39 -27.28 36.72
N GLY A 269 -40.42 -27.03 37.59
CA GLY A 269 -39.80 -28.13 38.29
C GLY A 269 -38.32 -28.34 38.04
N VAL A 270 -37.58 -27.26 37.82
CA VAL A 270 -36.13 -27.37 37.61
C VAL A 270 -35.50 -28.08 38.79
N GLY A 271 -34.77 -29.16 38.50
CA GLY A 271 -34.07 -29.91 39.52
C GLY A 271 -34.91 -30.94 40.26
N GLY A 272 -36.20 -31.02 39.96
CA GLY A 272 -37.07 -31.96 40.65
C GLY A 272 -37.78 -31.31 41.83
N ASN A 273 -38.36 -30.13 41.60
CA ASN A 273 -39.03 -29.39 42.67
C ASN A 273 -40.15 -28.58 42.02
N ALA A 274 -41.40 -29.00 42.26
CA ALA A 274 -42.53 -28.38 41.58
C ALA A 274 -42.69 -26.90 41.90
N GLN A 275 -42.13 -26.45 43.03
CA GLN A 275 -42.16 -25.04 43.42
C GLN A 275 -40.71 -24.63 43.71
N PRO A 276 -39.90 -24.44 42.67
CA PRO A 276 -38.44 -24.32 42.88
C PRO A 276 -38.05 -23.15 43.77
N GLY A 277 -38.37 -21.93 43.34
CA GLY A 277 -38.08 -20.77 44.13
C GLY A 277 -36.62 -20.36 44.07
N ALA A 278 -36.37 -19.07 43.80
CA ALA A 278 -35.03 -18.48 43.92
C ALA A 278 -34.00 -19.12 42.99
N LEU A 279 -34.43 -20.05 42.15
CA LEU A 279 -33.55 -20.67 41.16
C LEU A 279 -33.90 -20.30 39.74
N ILE A 280 -35.05 -19.68 39.51
CA ILE A 280 -35.43 -19.25 38.17
C ILE A 280 -34.53 -18.11 37.72
N ALA A 281 -34.15 -17.23 38.64
CA ALA A 281 -33.25 -16.12 38.28
C ALA A 281 -31.87 -16.63 37.91
N LEU A 282 -31.44 -17.76 38.49
CA LEU A 282 -30.13 -18.33 38.20
C LEU A 282 -29.95 -18.56 36.71
N PHE A 283 -30.80 -19.41 36.12
CA PHE A 283 -30.65 -19.79 34.73
C PHE A 283 -30.85 -18.59 33.80
N VAL A 284 -31.84 -17.75 34.10
CA VAL A 284 -32.13 -16.60 33.23
C VAL A 284 -30.94 -15.65 33.19
N PHE A 285 -30.40 -15.32 34.37
CA PHE A 285 -29.25 -14.41 34.41
C PHE A 285 -28.02 -15.04 33.79
N CYS A 286 -27.82 -16.34 33.99
CA CYS A 286 -26.69 -17.02 33.35
C CYS A 286 -26.81 -16.95 31.84
N ALA A 287 -28.00 -17.21 31.30
CA ALA A 287 -28.20 -17.14 29.86
C ALA A 287 -27.97 -15.73 29.32
N LEU A 288 -28.49 -14.72 30.03
CA LEU A 288 -28.31 -13.35 29.60
C LEU A 288 -26.83 -12.97 29.57
N ALA A 289 -26.12 -13.24 30.66
CA ALA A 289 -24.70 -12.90 30.73
C ALA A 289 -23.90 -13.65 29.67
N ALA A 290 -24.17 -14.95 29.50
CA ALA A 290 -23.41 -15.74 28.55
C ALA A 290 -23.66 -15.27 27.11
N PHE A 291 -24.92 -14.96 26.77
CA PHE A 291 -25.21 -14.54 25.42
C PHE A 291 -24.81 -13.10 25.14
N GLU A 292 -24.59 -12.29 26.18
CA GLU A 292 -23.92 -11.01 25.95
C GLU A 292 -22.41 -11.15 26.13
N ALA A 293 -21.85 -12.19 25.50
CA ALA A 293 -20.40 -12.38 25.48
C ALA A 293 -19.89 -12.98 24.17
N LEU A 294 -20.76 -13.19 23.17
CA LEU A 294 -20.39 -13.87 21.94
C LEU A 294 -20.19 -12.90 20.78
N ALA A 295 -20.09 -11.60 21.07
CA ALA A 295 -19.91 -10.57 20.06
C ALA A 295 -18.64 -10.76 19.23
N PRO A 296 -17.48 -11.10 19.81
CA PRO A 296 -16.28 -11.29 18.97
C PRO A 296 -16.44 -12.35 17.90
N VAL A 297 -17.22 -13.39 18.15
CA VAL A 297 -17.40 -14.45 17.15
C VAL A 297 -18.12 -13.93 15.93
N THR A 298 -19.04 -12.97 16.10
CA THR A 298 -19.86 -12.49 14.98
C THR A 298 -19.00 -11.90 13.87
N GLY A 299 -18.02 -11.07 14.23
CA GLY A 299 -17.16 -10.46 13.25
C GLY A 299 -15.94 -11.26 12.85
N ALA A 300 -15.77 -12.46 13.39
CA ALA A 300 -14.59 -13.26 13.08
C ALA A 300 -14.62 -13.80 11.65
N PHE A 301 -15.82 -14.12 11.14
CA PHE A 301 -15.93 -14.75 9.83
C PHE A 301 -15.56 -13.81 8.69
N GLN A 302 -15.51 -12.50 8.93
CA GLN A 302 -15.19 -11.57 7.85
C GLN A 302 -13.72 -11.62 7.47
N HIS A 303 -12.84 -11.96 8.41
CA HIS A 303 -11.40 -11.91 8.18
C HIS A 303 -10.84 -13.17 7.54
N LEU A 304 -11.66 -14.22 7.37
CA LEU A 304 -11.09 -15.51 6.98
C LEU A 304 -10.66 -15.53 5.51
N GLY A 305 -11.49 -14.99 4.62
CA GLY A 305 -11.21 -15.11 3.19
C GLY A 305 -9.93 -14.39 2.78
N GLN A 306 -9.79 -13.14 3.22
CA GLN A 306 -8.59 -12.37 2.88
C GLN A 306 -7.34 -13.06 3.42
N VAL A 307 -7.43 -13.59 4.63
CA VAL A 307 -6.29 -14.27 5.24
C VAL A 307 -5.90 -15.51 4.43
N ILE A 308 -6.90 -16.30 4.02
CA ILE A 308 -6.60 -17.50 3.24
C ILE A 308 -5.96 -17.13 1.92
N ALA A 309 -6.49 -16.10 1.25
CA ALA A 309 -5.91 -15.67 -0.01
C ALA A 309 -4.47 -15.21 0.17
N SER A 310 -4.21 -14.41 1.21
CA SER A 310 -2.84 -13.94 1.46
C SER A 310 -1.91 -15.09 1.76
N ALA A 311 -2.36 -16.05 2.59
CA ALA A 311 -1.52 -17.17 2.95
C ALA A 311 -1.17 -18.02 1.73
N VAL A 312 -2.16 -18.30 0.87
CA VAL A 312 -1.87 -19.13 -0.29
C VAL A 312 -0.97 -18.37 -1.27
N ARG A 313 -1.14 -17.05 -1.38
CA ARG A 313 -0.27 -16.27 -2.25
C ARG A 313 1.18 -16.34 -1.77
N ILE A 314 1.39 -16.11 -0.47
CA ILE A 314 2.75 -16.15 0.08
C ILE A 314 3.35 -17.54 -0.07
N THR A 315 2.55 -18.58 0.19
CA THR A 315 3.06 -19.95 0.08
C THR A 315 3.47 -20.26 -1.35
N ASP A 316 2.64 -19.87 -2.33
CA ASP A 316 2.98 -20.11 -3.73
C ASP A 316 4.25 -19.36 -4.12
N LEU A 317 4.38 -18.10 -3.67
CA LEU A 317 5.58 -17.35 -3.99
C LEU A 317 6.82 -17.97 -3.35
N THR A 318 6.69 -18.50 -2.14
CA THR A 318 7.85 -19.02 -1.42
C THR A 318 8.30 -20.36 -1.98
N ASP A 319 7.38 -21.22 -2.37
CA ASP A 319 7.76 -22.56 -2.83
C ASP A 319 8.24 -22.59 -4.28
N GLN A 320 8.65 -21.46 -4.85
CA GLN A 320 9.10 -21.45 -6.24
C GLN A 320 10.43 -22.17 -6.44
N LYS A 321 11.16 -22.47 -5.35
CA LYS A 321 12.42 -23.21 -5.25
C LYS A 321 13.56 -22.50 -5.99
N PRO A 322 14.81 -22.67 -5.54
CA PRO A 322 15.92 -21.96 -6.18
C PRO A 322 16.28 -22.54 -7.54
N GLU A 323 17.34 -22.01 -8.15
CA GLU A 323 17.82 -22.43 -9.46
C GLU A 323 19.16 -23.14 -9.42
N VAL A 324 20.11 -22.64 -8.64
CA VAL A 324 21.44 -23.21 -8.56
C VAL A 324 21.75 -23.56 -7.11
N THR A 325 22.75 -24.43 -6.93
CA THR A 325 23.18 -24.89 -5.62
C THR A 325 24.64 -24.50 -5.38
N PHE A 326 25.03 -24.53 -4.12
CA PHE A 326 26.38 -24.13 -3.70
C PHE A 326 27.08 -25.25 -2.98
N PRO A 327 28.14 -25.84 -3.54
CA PRO A 327 28.93 -26.83 -2.80
C PRO A 327 29.76 -26.16 -1.72
N ASP A 328 29.18 -26.02 -0.53
CA ASP A 328 29.70 -25.17 0.54
C ASP A 328 31.03 -25.64 1.13
N THR A 329 31.67 -26.63 0.50
CA THR A 329 32.99 -27.07 0.94
C THR A 329 33.95 -25.90 0.99
N GLN A 330 34.68 -25.80 2.10
CA GLN A 330 35.51 -24.63 2.36
C GLN A 330 36.74 -24.61 1.47
N THR A 331 37.16 -23.40 1.11
CA THR A 331 38.35 -23.18 0.29
C THR A 331 38.94 -21.83 0.67
N ARG A 332 39.95 -21.40 -0.10
CA ARG A 332 40.62 -20.13 0.13
C ARG A 332 40.74 -19.37 -1.20
N VAL A 333 41.16 -18.11 -1.09
CA VAL A 333 41.28 -17.23 -2.25
C VAL A 333 42.74 -16.82 -2.41
N ALA A 334 43.05 -16.31 -3.60
CA ALA A 334 44.41 -15.88 -3.95
C ALA A 334 44.36 -14.50 -4.58
N ASP A 335 45.48 -13.78 -4.46
CA ASP A 335 45.57 -12.40 -4.94
C ASP A 335 45.71 -12.29 -6.45
N ARG A 336 45.96 -13.39 -7.15
CA ARG A 336 46.06 -13.39 -8.60
C ARG A 336 45.05 -14.38 -9.16
N VAL A 337 44.09 -13.87 -9.93
CA VAL A 337 43.01 -14.68 -10.49
C VAL A 337 42.96 -14.44 -12.00
N SER A 338 42.41 -15.40 -12.72
CA SER A 338 42.27 -15.33 -14.17
C SER A 338 40.93 -15.92 -14.59
N LEU A 339 40.49 -15.54 -15.78
CA LEU A 339 39.22 -16.00 -16.35
C LEU A 339 39.51 -16.76 -17.63
N THR A 340 38.91 -17.95 -17.77
CA THR A 340 39.17 -18.83 -18.92
C THR A 340 37.85 -19.46 -19.37
N LEU A 341 37.31 -18.96 -20.47
CA LEU A 341 36.16 -19.58 -21.10
C LEU A 341 36.58 -20.39 -22.32
N ARG A 342 35.90 -21.50 -22.54
CA ARG A 342 36.21 -22.32 -23.71
C ARG A 342 35.05 -22.46 -24.67
N ASP A 343 33.84 -22.75 -24.18
CA ASP A 343 32.66 -22.83 -25.03
C ASP A 343 31.43 -22.86 -24.14
N VAL A 344 30.48 -21.97 -24.41
CA VAL A 344 29.21 -21.94 -23.69
C VAL A 344 28.08 -21.77 -24.70
N GLN A 345 27.05 -22.61 -24.58
CA GLN A 345 25.83 -22.48 -25.36
C GLN A 345 24.66 -22.42 -24.37
N PHE A 346 24.34 -21.22 -23.92
CA PHE A 346 23.37 -21.00 -22.86
C PHE A 346 22.13 -20.30 -23.39
N THR A 347 20.96 -20.76 -22.95
CA THR A 347 19.69 -20.14 -23.25
C THR A 347 18.85 -20.08 -21.98
N TYR A 348 17.96 -19.08 -21.91
CA TYR A 348 17.11 -18.93 -20.75
C TYR A 348 16.12 -20.09 -20.67
N PRO A 349 15.75 -20.53 -19.47
CA PRO A 349 14.61 -21.46 -19.38
C PRO A 349 13.34 -20.90 -19.97
N GLU A 350 13.10 -19.59 -19.81
CA GLU A 350 12.02 -18.93 -20.52
C GLU A 350 12.42 -18.71 -21.97
N GLN A 351 11.52 -19.06 -22.88
CA GLN A 351 11.70 -18.98 -24.34
C GLN A 351 13.04 -19.64 -24.72
N SER A 352 13.61 -19.28 -25.86
CA SER A 352 14.80 -19.94 -26.36
C SER A 352 15.51 -19.00 -27.35
N GLN A 353 16.43 -19.57 -28.13
CA GLN A 353 17.07 -18.91 -29.28
C GLN A 353 17.71 -17.58 -28.91
N GLN A 354 18.36 -17.55 -27.74
CA GLN A 354 19.11 -16.38 -27.33
C GLN A 354 20.58 -16.49 -27.77
N ALA A 355 21.42 -15.63 -27.23
CA ALA A 355 22.81 -15.49 -27.66
C ALA A 355 23.69 -16.48 -26.91
N LEU A 356 25.01 -16.27 -26.95
CA LEU A 356 26.01 -17.14 -26.31
C LEU A 356 25.99 -18.55 -26.92
N LYS A 357 26.34 -18.60 -28.20
CA LYS A 357 26.39 -19.88 -28.92
C LYS A 357 27.72 -20.59 -28.71
N GLY A 358 28.82 -19.95 -29.09
CA GLY A 358 30.13 -20.58 -29.04
C GLY A 358 31.23 -19.68 -28.56
N ILE A 359 30.90 -18.75 -27.65
CA ILE A 359 31.87 -17.75 -27.20
C ILE A 359 33.08 -18.43 -26.58
N SER A 360 34.27 -17.97 -26.96
CA SER A 360 35.53 -18.53 -26.49
C SER A 360 36.57 -17.44 -26.37
N LEU A 361 37.20 -17.33 -25.21
CA LEU A 361 38.25 -16.34 -24.98
C LEU A 361 39.07 -16.77 -23.78
N GLN A 362 40.33 -16.32 -23.75
CA GLN A 362 41.25 -16.63 -22.68
C GLN A 362 41.85 -15.34 -22.14
N VAL A 363 41.82 -15.16 -20.82
CA VAL A 363 42.31 -13.97 -20.16
C VAL A 363 43.41 -14.37 -19.18
N ASN A 364 44.58 -13.74 -19.31
CA ASN A 364 45.66 -13.98 -18.37
C ASN A 364 45.54 -13.07 -17.15
N ALA A 365 46.34 -13.36 -16.13
CA ALA A 365 46.30 -12.59 -14.90
C ALA A 365 46.81 -11.17 -15.14
N GLY A 366 46.14 -10.20 -14.51
CA GLY A 366 46.55 -8.81 -14.64
C GLY A 366 46.47 -8.26 -16.04
N GLU A 367 45.40 -8.61 -16.77
CA GLU A 367 45.21 -8.19 -18.14
C GLU A 367 43.89 -7.43 -18.25
N HIS A 368 43.91 -6.30 -18.95
CA HIS A 368 42.72 -5.47 -19.13
C HIS A 368 42.14 -5.79 -20.52
N ILE A 369 40.91 -6.33 -20.52
CA ILE A 369 40.24 -6.71 -21.75
C ILE A 369 38.87 -6.04 -21.78
N ALA A 370 38.52 -5.44 -22.91
CA ALA A 370 37.24 -4.77 -23.09
C ALA A 370 36.44 -5.47 -24.17
N ILE A 371 35.18 -5.76 -23.88
CA ILE A 371 34.28 -6.45 -24.81
C ILE A 371 33.44 -5.39 -25.52
N LEU A 372 33.49 -5.39 -26.85
CA LEU A 372 32.78 -4.43 -27.67
C LEU A 372 31.59 -5.10 -28.35
N GLY A 373 30.69 -4.28 -28.85
CA GLY A 373 29.53 -4.79 -29.57
C GLY A 373 28.37 -3.84 -29.46
N ARG A 374 27.29 -4.22 -30.13
CA ARG A 374 26.05 -3.45 -30.15
C ARG A 374 25.25 -3.73 -28.87
N THR A 375 23.98 -3.34 -28.86
CA THR A 375 23.10 -3.61 -27.74
C THR A 375 22.34 -4.91 -27.97
N GLY A 376 22.34 -5.77 -26.97
CA GLY A 376 21.63 -7.04 -27.04
C GLY A 376 22.37 -8.17 -27.69
N CYS A 377 23.66 -8.01 -28.02
CA CYS A 377 24.39 -9.10 -28.66
C CYS A 377 24.67 -10.23 -27.68
N GLY A 378 24.73 -9.95 -26.38
CA GLY A 378 24.93 -10.99 -25.40
C GLY A 378 25.99 -10.69 -24.37
N LYS A 379 26.47 -9.45 -24.32
CA LYS A 379 27.46 -9.06 -23.33
C LYS A 379 26.86 -9.11 -21.92
N SER A 380 25.69 -8.51 -21.75
CA SER A 380 25.03 -8.53 -20.45
C SER A 380 24.70 -9.95 -20.01
N THR A 381 24.37 -10.83 -20.96
CA THR A 381 24.16 -12.23 -20.64
C THR A 381 25.44 -12.86 -20.09
N LEU A 382 26.58 -12.53 -20.71
CA LEU A 382 27.86 -13.04 -20.21
C LEU A 382 28.15 -12.53 -18.80
N LEU A 383 27.86 -11.25 -18.55
CA LEU A 383 28.10 -10.69 -17.22
C LEU A 383 27.19 -11.35 -16.18
N GLN A 384 25.92 -11.56 -16.52
CA GLN A 384 24.99 -12.18 -15.58
C GLN A 384 25.32 -13.65 -15.35
N LEU A 385 25.88 -14.32 -16.35
CA LEU A 385 26.26 -15.71 -16.18
C LEU A 385 27.53 -15.84 -15.35
N LEU A 386 28.47 -14.90 -15.52
CA LEU A 386 29.76 -15.02 -14.85
C LEU A 386 29.63 -14.92 -13.34
N THR A 387 28.63 -14.19 -12.84
CA THR A 387 28.35 -14.16 -11.41
C THR A 387 27.46 -15.31 -10.96
N ARG A 388 27.25 -16.30 -11.83
CA ARG A 388 26.48 -17.51 -11.52
C ARG A 388 25.05 -17.17 -11.08
N ALA A 389 24.45 -16.16 -11.70
CA ALA A 389 23.03 -15.92 -11.52
C ALA A 389 22.22 -17.11 -12.05
N TRP A 390 22.34 -17.37 -13.35
CA TRP A 390 21.80 -18.57 -13.97
C TRP A 390 22.90 -19.64 -14.00
N ASP A 391 22.62 -20.71 -14.74
CA ASP A 391 23.60 -21.84 -14.84
C ASP A 391 23.93 -22.05 -16.32
N PRO A 392 25.19 -22.39 -16.69
CA PRO A 392 25.53 -22.67 -18.09
C PRO A 392 24.77 -23.89 -18.60
N GLN A 393 24.08 -23.71 -19.73
CA GLN A 393 23.31 -24.80 -20.29
C GLN A 393 24.23 -25.94 -20.73
N GLN A 394 25.36 -25.62 -21.35
CA GLN A 394 26.33 -26.63 -21.76
C GLN A 394 27.67 -25.94 -21.99
N GLY A 395 28.66 -26.30 -21.18
CA GLY A 395 29.99 -25.74 -21.36
C GLY A 395 30.79 -25.80 -20.06
N GLU A 396 31.96 -25.18 -20.11
CA GLU A 396 32.88 -25.19 -18.98
C GLU A 396 33.37 -23.77 -18.71
N ILE A 397 33.46 -23.40 -17.44
CA ILE A 397 33.99 -22.12 -17.01
C ILE A 397 34.98 -22.37 -15.88
N LEU A 398 36.18 -21.82 -16.00
CA LEU A 398 37.25 -22.07 -15.03
C LEU A 398 37.87 -20.75 -14.58
N LEU A 399 38.00 -20.59 -13.27
CA LEU A 399 38.76 -19.49 -12.68
C LEU A 399 40.00 -20.08 -12.03
N ASN A 400 41.18 -19.56 -12.42
CA ASN A 400 42.45 -20.14 -12.00
C ASN A 400 42.52 -21.63 -12.34
N ASP A 401 41.97 -21.97 -13.50
CA ASP A 401 41.86 -23.36 -13.97
C ASP A 401 41.11 -24.25 -12.98
N SER A 402 40.19 -23.66 -12.21
CA SER A 402 39.34 -24.39 -11.29
C SER A 402 37.88 -24.17 -11.66
N PRO A 403 37.05 -25.20 -11.67
CA PRO A 403 35.65 -25.03 -12.07
C PRO A 403 34.93 -24.05 -11.16
N ILE A 404 34.05 -23.24 -11.76
CA ILE A 404 33.27 -22.26 -11.02
C ILE A 404 32.23 -22.89 -10.10
N ALA A 405 31.95 -24.18 -10.28
CA ALA A 405 30.94 -24.84 -9.45
C ALA A 405 31.41 -24.95 -8.00
N SER A 406 32.63 -25.43 -7.79
CA SER A 406 33.14 -25.70 -6.44
C SER A 406 33.62 -24.40 -5.80
N LEU A 407 32.65 -23.60 -5.38
CA LEU A 407 32.93 -22.34 -4.69
C LEU A 407 31.79 -22.02 -3.74
N ASN A 408 32.14 -21.53 -2.56
CA ASN A 408 31.16 -21.14 -1.56
C ASN A 408 30.51 -19.81 -1.95
N GLU A 409 29.42 -19.49 -1.27
CA GLU A 409 28.79 -18.19 -1.46
C GLU A 409 29.74 -17.06 -1.08
N ALA A 410 30.41 -17.20 0.06
CA ALA A 410 31.29 -16.15 0.55
C ALA A 410 32.47 -15.94 -0.40
N ALA A 411 33.12 -17.04 -0.80
CA ALA A 411 34.30 -16.91 -1.65
C ALA A 411 33.95 -16.32 -3.02
N LEU A 412 32.87 -16.82 -3.63
CA LEU A 412 32.48 -16.31 -4.94
C LEU A 412 32.05 -14.85 -4.86
N ARG A 413 31.28 -14.49 -3.82
CA ARG A 413 30.83 -13.11 -3.70
C ARG A 413 31.94 -12.17 -3.28
N GLN A 414 33.03 -12.68 -2.72
CA GLN A 414 34.13 -11.83 -2.29
C GLN A 414 35.19 -11.66 -3.37
N THR A 415 35.45 -12.70 -4.16
CA THR A 415 36.54 -12.65 -5.13
C THR A 415 36.16 -11.92 -6.42
N ILE A 416 34.90 -11.53 -6.60
CA ILE A 416 34.43 -10.88 -7.82
C ILE A 416 33.70 -9.61 -7.44
N SER A 417 34.13 -8.48 -8.01
CA SER A 417 33.51 -7.19 -7.78
C SER A 417 32.74 -6.77 -9.02
N VAL A 418 31.49 -6.35 -8.84
CA VAL A 418 30.61 -6.00 -9.94
C VAL A 418 30.14 -4.56 -9.78
N VAL A 419 30.19 -3.81 -10.87
CA VAL A 419 29.63 -2.46 -10.93
C VAL A 419 28.39 -2.51 -11.80
N PRO A 420 27.20 -2.66 -11.22
CA PRO A 420 26.01 -2.93 -12.02
C PRO A 420 25.59 -1.73 -12.86
N GLN A 421 24.69 -2.01 -13.81
CA GLN A 421 24.15 -0.96 -14.66
C GLN A 421 23.34 0.05 -13.85
N ARG A 422 22.45 -0.44 -12.99
CA ARG A 422 21.61 0.40 -12.16
C ARG A 422 22.16 0.42 -10.74
N VAL A 423 22.25 1.61 -10.15
CA VAL A 423 22.78 1.80 -8.81
C VAL A 423 21.61 2.09 -7.87
N HIS A 424 21.52 1.32 -6.80
CA HIS A 424 20.45 1.47 -5.82
C HIS A 424 21.00 2.16 -4.57
N LEU A 425 20.32 3.21 -4.14
CA LEU A 425 20.70 3.99 -2.96
C LEU A 425 19.72 3.67 -1.85
N PHE A 426 20.21 3.01 -0.80
CA PHE A 426 19.37 2.68 0.34
C PHE A 426 18.99 3.94 1.12
N SER A 427 17.78 3.94 1.67
CA SER A 427 17.27 5.06 2.45
C SER A 427 17.94 5.04 3.82
N ALA A 428 19.20 5.48 3.84
CA ALA A 428 19.98 5.54 5.07
C ALA A 428 21.05 6.61 4.89
N THR A 429 21.98 6.68 5.84
CA THR A 429 23.04 7.67 5.76
C THR A 429 24.03 7.31 4.66
N LEU A 430 24.86 8.30 4.31
CA LEU A 430 25.94 8.04 3.35
C LEU A 430 26.90 6.99 3.89
N ARG A 431 27.22 7.06 5.18
CA ARG A 431 28.09 6.06 5.79
C ARG A 431 27.49 4.66 5.68
N ASP A 432 26.19 4.54 5.99
CA ASP A 432 25.55 3.23 5.90
C ASP A 432 25.42 2.78 4.44
N ASN A 433 25.11 3.71 3.53
CA ASN A 433 24.98 3.36 2.12
C ASN A 433 26.31 2.96 1.49
N LEU A 434 27.43 3.38 2.08
CA LEU A 434 28.73 3.08 1.49
C LEU A 434 29.48 1.97 2.21
N LEU A 435 29.19 1.72 3.48
CA LEU A 435 29.89 0.67 4.23
C LEU A 435 29.42 -0.72 3.89
N LEU A 436 28.56 -0.88 2.88
CA LEU A 436 28.17 -2.22 2.44
C LEU A 436 29.36 -3.00 1.93
N ALA A 437 30.23 -2.35 1.16
CA ALA A 437 31.34 -3.06 0.52
C ALA A 437 32.32 -3.61 1.55
N SER A 438 32.71 -2.79 2.53
CA SER A 438 33.72 -3.17 3.51
C SER A 438 33.29 -2.68 4.89
N PRO A 439 32.76 -3.57 5.74
CA PRO A 439 32.30 -3.18 7.08
C PRO A 439 33.41 -3.15 8.12
N GLY A 440 34.58 -2.64 7.74
CA GLY A 440 35.69 -2.50 8.66
C GLY A 440 36.42 -1.19 8.51
N SER A 441 36.03 -0.39 7.52
CA SER A 441 36.72 0.86 7.25
C SER A 441 36.36 1.91 8.31
N SER A 442 37.38 2.61 8.79
CA SER A 442 37.17 3.70 9.74
C SER A 442 36.68 4.94 9.00
N ASP A 443 36.53 6.04 9.74
CA ASP A 443 36.10 7.29 9.13
C ASP A 443 37.17 7.85 8.21
N GLU A 444 38.44 7.69 8.57
CA GLU A 444 39.52 8.24 7.75
C GLU A 444 39.61 7.52 6.40
N ALA A 445 39.41 6.21 6.38
CA ALA A 445 39.44 5.47 5.13
C ALA A 445 38.34 5.93 4.19
N LEU A 446 37.12 6.10 4.73
CA LEU A 446 36.02 6.62 3.93
C LEU A 446 36.34 8.03 3.43
N SER A 447 36.93 8.86 4.29
CA SER A 447 37.24 10.23 3.91
C SER A 447 38.26 10.27 2.77
N GLU A 448 39.31 9.43 2.85
CA GLU A 448 40.31 9.46 1.79
C GLU A 448 39.76 8.85 0.50
N ILE A 449 38.94 7.81 0.61
CA ILE A 449 38.32 7.22 -0.57
C ILE A 449 37.47 8.26 -1.29
N LEU A 450 36.69 9.04 -0.54
CA LEU A 450 35.91 10.11 -1.16
C LEU A 450 36.80 11.22 -1.71
N ARG A 451 37.85 11.59 -0.96
CA ARG A 451 38.73 12.67 -1.39
C ARG A 451 39.54 12.29 -2.63
N ARG A 452 39.62 11.00 -2.95
CA ARG A 452 40.18 10.60 -4.24
C ARG A 452 39.22 11.04 -5.36
N VAL A 453 39.59 10.71 -6.59
CA VAL A 453 38.77 11.09 -7.73
C VAL A 453 37.37 10.51 -7.55
N GLY A 454 36.35 11.36 -7.77
CA GLY A 454 34.97 10.98 -7.52
C GLY A 454 34.16 12.09 -6.90
N LEU A 455 33.40 11.77 -5.86
CA LEU A 455 32.59 12.76 -5.15
C LEU A 455 33.45 13.44 -4.09
N GLU A 456 33.56 14.76 -4.18
CA GLU A 456 34.14 15.56 -3.11
C GLU A 456 33.18 16.64 -2.61
N LYS A 457 32.06 16.85 -3.30
CA LYS A 457 31.08 17.85 -2.85
C LYS A 457 30.30 17.34 -1.65
N LEU A 458 29.96 16.05 -1.63
CA LEU A 458 29.27 15.47 -0.48
C LEU A 458 30.17 15.35 0.75
N LEU A 459 31.47 15.59 0.61
CA LEU A 459 32.38 15.42 1.74
C LEU A 459 32.05 16.40 2.87
N GLU A 460 31.74 17.65 2.53
CA GLU A 460 31.46 18.63 3.57
C GLU A 460 30.03 18.51 4.09
N ASP A 461 29.04 18.68 3.21
CA ASP A 461 27.62 18.55 3.53
C ASP A 461 27.28 19.07 4.91
N ALA A 462 26.52 18.30 5.68
CA ALA A 462 26.42 18.45 7.12
C ALA A 462 27.39 17.53 7.85
N GLY A 463 28.21 16.79 7.12
CA GLY A 463 29.11 15.76 7.60
C GLY A 463 28.94 14.50 6.79
N LEU A 464 29.52 13.41 7.28
CA LEU A 464 29.27 12.11 6.66
C LEU A 464 27.81 11.73 6.78
N ASN A 465 27.21 11.98 7.93
CA ASN A 465 25.80 11.66 8.14
C ASN A 465 24.92 12.55 7.27
N SER A 466 23.89 11.94 6.69
CA SER A 466 22.91 12.62 5.86
C SER A 466 21.78 11.63 5.60
N TRP A 467 20.83 12.04 4.77
CA TRP A 467 19.76 11.16 4.31
C TRP A 467 19.84 11.08 2.80
N LEU A 468 20.01 9.86 2.27
CA LEU A 468 20.18 9.62 0.85
C LEU A 468 19.00 8.80 0.33
N GLY A 469 18.48 9.19 -0.83
CA GLY A 469 17.38 8.49 -1.43
C GLY A 469 16.08 9.27 -1.44
N GLU A 470 14.96 8.57 -1.22
CA GLU A 470 13.66 9.23 -1.22
C GLU A 470 13.53 10.24 -0.08
N GLY A 471 14.03 9.87 1.10
CA GLY A 471 13.86 10.75 2.26
C GLY A 471 14.64 12.04 2.15
N GLY A 472 15.88 11.98 1.64
CA GLY A 472 16.73 13.14 1.63
C GLY A 472 17.32 13.51 0.28
N ARG A 473 18.65 13.56 0.22
CA ARG A 473 19.33 14.05 -0.97
C ARG A 473 19.08 13.14 -2.17
N GLN A 474 19.13 13.74 -3.36
CA GLN A 474 18.96 13.03 -4.62
C GLN A 474 20.21 13.23 -5.48
N LEU A 475 20.66 12.14 -6.10
CA LEU A 475 21.86 12.15 -6.93
C LEU A 475 21.51 11.89 -8.39
N SER A 476 22.46 12.19 -9.26
CA SER A 476 22.34 11.97 -10.70
C SER A 476 23.34 10.91 -11.13
N GLY A 477 23.20 10.47 -12.39
CA GLY A 477 24.05 9.39 -12.89
C GLY A 477 25.53 9.72 -12.80
N GLY A 478 25.89 10.97 -13.10
CA GLY A 478 27.28 11.38 -12.94
C GLY A 478 27.74 11.32 -11.50
N GLU A 479 26.83 11.54 -10.56
CA GLU A 479 27.13 11.41 -9.14
C GLU A 479 26.90 10.00 -8.62
N LEU A 480 26.31 9.12 -9.44
CA LEU A 480 26.10 7.73 -9.03
C LEU A 480 27.24 6.81 -9.47
N ARG A 481 27.79 7.05 -10.67
CA ARG A 481 28.85 6.20 -11.17
C ARG A 481 30.10 6.29 -10.29
N ARG A 482 30.46 7.51 -9.86
CA ARG A 482 31.66 7.68 -9.06
C ARG A 482 31.48 7.21 -7.62
N LEU A 483 30.25 6.90 -7.20
CA LEU A 483 30.00 6.26 -5.92
C LEU A 483 29.96 4.74 -6.04
N ALA A 484 29.39 4.25 -7.15
CA ALA A 484 29.44 2.81 -7.39
C ALA A 484 30.87 2.33 -7.56
N ILE A 485 31.69 3.11 -8.27
CA ILE A 485 33.10 2.74 -8.41
C ILE A 485 33.81 2.81 -7.06
N ALA A 486 33.44 3.76 -6.20
CA ALA A 486 34.03 3.80 -4.86
C ALA A 486 33.67 2.55 -4.07
N ARG A 487 32.41 2.11 -4.15
CA ARG A 487 32.01 0.87 -3.50
C ARG A 487 32.82 -0.31 -4.03
N ALA A 488 32.97 -0.40 -5.35
CA ALA A 488 33.70 -1.51 -5.94
C ALA A 488 35.16 -1.49 -5.51
N LEU A 489 35.78 -0.30 -5.47
CA LEU A 489 37.17 -0.19 -5.03
C LEU A 489 37.33 -0.60 -3.57
N LEU A 490 36.38 -0.21 -2.72
CA LEU A 490 36.46 -0.61 -1.32
C LEU A 490 36.30 -2.12 -1.17
N HIS A 491 35.40 -2.73 -1.93
CA HIS A 491 35.25 -4.18 -1.92
C HIS A 491 36.38 -4.78 -2.74
N ASP A 492 37.56 -4.84 -2.11
CA ASP A 492 38.79 -5.25 -2.79
C ASP A 492 38.72 -6.69 -3.26
N ALA A 493 38.70 -6.90 -4.58
CA ALA A 493 38.71 -8.21 -5.19
C ALA A 493 39.71 -8.22 -6.33
N PRO A 494 40.33 -9.37 -6.61
CA PRO A 494 41.33 -9.40 -7.69
C PRO A 494 40.73 -9.32 -9.08
N LEU A 495 39.45 -9.67 -9.25
CA LEU A 495 38.77 -9.58 -10.54
C LEU A 495 37.61 -8.62 -10.42
N VAL A 496 37.56 -7.64 -11.31
CA VAL A 496 36.51 -6.62 -11.32
C VAL A 496 35.77 -6.72 -12.64
N LEU A 497 34.45 -6.93 -12.57
CA LEU A 497 33.59 -7.04 -13.74
C LEU A 497 32.76 -5.76 -13.82
N LEU A 498 33.22 -4.81 -14.62
CA LEU A 498 32.54 -3.53 -14.78
C LEU A 498 31.50 -3.66 -15.90
N ASP A 499 30.26 -3.29 -15.59
CA ASP A 499 29.25 -3.17 -16.63
C ASP A 499 29.43 -1.83 -17.33
N GLU A 500 28.44 -1.41 -18.13
CA GLU A 500 28.50 -0.17 -18.89
C GLU A 500 28.85 1.00 -17.97
N PRO A 501 30.07 1.54 -18.07
CA PRO A 501 30.52 2.53 -17.09
C PRO A 501 30.34 3.97 -17.53
N THR A 502 29.97 4.19 -18.79
CA THR A 502 29.94 5.54 -19.34
C THR A 502 28.63 5.91 -20.01
N GLU A 503 27.65 5.00 -20.06
CA GLU A 503 26.41 5.28 -20.76
C GLU A 503 25.60 6.34 -20.02
N GLY A 504 24.95 7.20 -20.80
CA GLY A 504 24.18 8.30 -20.23
C GLY A 504 25.01 9.34 -19.52
N LEU A 505 26.15 9.72 -20.10
CA LEU A 505 27.03 10.71 -19.49
C LEU A 505 27.43 11.79 -20.49
N ASP A 506 28.35 12.67 -20.11
CA ASP A 506 28.87 13.72 -20.98
C ASP A 506 30.36 13.48 -21.21
N ALA A 507 31.00 14.45 -21.88
CA ALA A 507 32.38 14.26 -22.32
C ALA A 507 33.37 14.36 -21.17
N THR A 508 33.33 15.46 -20.42
CA THR A 508 34.32 15.69 -19.37
C THR A 508 34.19 14.65 -18.26
N THR A 509 32.96 14.33 -17.85
CA THR A 509 32.76 13.32 -16.82
C THR A 509 33.24 11.95 -17.30
N GLU A 510 32.98 11.62 -18.57
CA GLU A 510 33.46 10.36 -19.10
C GLU A 510 34.98 10.29 -19.11
N SER A 511 35.64 11.37 -19.50
CA SER A 511 37.10 11.39 -19.49
C SER A 511 37.64 11.25 -18.08
N GLN A 512 37.04 11.94 -17.12
CA GLN A 512 37.48 11.83 -15.72
C GLN A 512 37.27 10.41 -15.20
N ILE A 513 36.14 9.79 -15.55
CA ILE A 513 35.87 8.42 -15.12
C ILE A 513 36.87 7.46 -15.73
N LEU A 514 37.19 7.65 -17.01
CA LEU A 514 38.19 6.79 -17.65
C LEU A 514 39.55 6.92 -17.00
N GLU A 515 39.97 8.15 -16.69
CA GLU A 515 41.24 8.34 -16.00
C GLU A 515 41.22 7.68 -14.63
N LEU A 516 40.12 7.85 -13.89
CA LEU A 516 39.99 7.21 -12.59
C LEU A 516 40.11 5.70 -12.69
N LEU A 517 39.40 5.10 -13.64
CA LEU A 517 39.39 3.66 -13.79
C LEU A 517 40.73 3.12 -14.29
N ALA A 518 41.46 3.92 -15.06
CA ALA A 518 42.79 3.52 -15.51
C ALA A 518 43.85 3.65 -14.43
N GLU A 519 43.70 4.60 -13.52
CA GLU A 519 44.73 4.85 -12.51
C GLU A 519 44.50 4.10 -11.20
N MET A 520 43.26 4.10 -10.68
CA MET A 520 43.00 3.53 -9.37
C MET A 520 43.15 2.02 -9.33
N MET A 521 43.10 1.35 -10.48
CA MET A 521 43.25 -0.10 -10.55
C MET A 521 44.13 -0.42 -11.76
N ARG A 522 45.43 -0.58 -11.51
CA ARG A 522 46.39 -0.90 -12.56
C ARG A 522 47.00 -2.29 -12.38
N GLU A 523 46.49 -3.08 -11.44
CA GLU A 523 46.98 -4.44 -11.24
C GLU A 523 45.82 -5.42 -11.25
N LYS A 524 44.64 -4.96 -10.85
CA LYS A 524 43.47 -5.82 -10.81
C LYS A 524 43.00 -6.14 -12.22
N THR A 525 42.72 -7.42 -12.47
CA THR A 525 42.20 -7.82 -13.77
C THR A 525 40.82 -7.21 -14.00
N VAL A 526 40.64 -6.59 -15.16
CA VAL A 526 39.42 -5.85 -15.46
C VAL A 526 38.88 -6.33 -16.80
N LEU A 527 37.60 -6.69 -16.82
CA LEU A 527 36.89 -7.12 -18.03
C LEU A 527 35.58 -6.34 -18.11
N MET A 528 35.61 -5.15 -18.68
CA MET A 528 34.43 -4.31 -18.71
C MET A 528 33.74 -4.41 -20.07
N VAL A 529 32.45 -4.09 -20.09
CA VAL A 529 31.63 -4.14 -21.29
C VAL A 529 31.24 -2.72 -21.66
N THR A 530 31.64 -2.29 -22.85
CA THR A 530 31.35 -0.95 -23.35
C THR A 530 30.83 -1.03 -24.78
N HIS A 531 30.19 0.06 -25.21
CA HIS A 531 29.80 0.21 -26.61
C HIS A 531 30.13 1.61 -27.13
N ARG A 532 30.83 2.43 -26.36
CA ARG A 532 31.31 3.73 -26.80
C ARG A 532 32.84 3.68 -26.77
N LEU A 533 33.45 3.58 -27.95
CA LEU A 533 34.87 3.28 -28.07
C LEU A 533 35.74 4.54 -27.91
N ARG A 534 35.49 5.27 -26.82
CA ARG A 534 36.29 6.42 -26.46
C ARG A 534 37.38 5.98 -25.49
N GLY A 535 38.63 6.23 -25.86
CA GLY A 535 39.76 5.83 -25.04
C GLY A 535 40.11 4.36 -25.12
N LEU A 536 39.55 3.63 -26.08
CA LEU A 536 39.79 2.20 -26.18
C LEU A 536 41.07 1.90 -26.93
N SER A 537 42.19 2.48 -26.48
CA SER A 537 43.48 2.24 -27.09
C SER A 537 44.55 1.84 -26.07
N ARG A 538 44.21 1.79 -24.79
CA ARG A 538 45.13 1.39 -23.73
C ARG A 538 44.93 -0.05 -23.30
N PHE A 539 44.06 -0.79 -23.98
CA PHE A 539 43.77 -2.18 -23.66
C PHE A 539 44.59 -3.08 -24.59
N GLN A 540 45.19 -4.11 -24.02
CA GLN A 540 46.07 -4.99 -24.78
C GLN A 540 45.32 -6.10 -25.51
N GLN A 541 44.04 -6.29 -25.24
CA GLN A 541 43.25 -7.30 -25.93
C GLN A 541 41.82 -6.78 -26.07
N ILE A 542 41.43 -6.40 -27.27
CA ILE A 542 40.09 -5.90 -27.56
C ILE A 542 39.31 -7.00 -28.25
N ILE A 543 38.12 -7.29 -27.75
CA ILE A 543 37.24 -8.31 -28.31
C ILE A 543 35.95 -7.63 -28.76
N VAL A 544 35.64 -7.76 -30.05
CA VAL A 544 34.42 -7.21 -30.62
C VAL A 544 33.56 -8.39 -31.09
N MET A 545 32.32 -8.44 -30.61
CA MET A 545 31.42 -9.54 -30.92
C MET A 545 30.04 -8.99 -31.26
N ASP A 546 29.30 -9.77 -32.06
CA ASP A 546 27.96 -9.38 -32.48
C ASP A 546 27.20 -10.65 -32.85
N ASN A 547 25.88 -10.51 -32.98
CA ASN A 547 24.95 -11.61 -33.27
C ASN A 547 25.26 -12.86 -32.45
N GLY A 548 25.72 -12.65 -31.21
CA GLY A 548 26.05 -13.75 -30.32
C GLY A 548 27.22 -14.58 -30.76
N GLN A 549 28.23 -13.96 -31.36
CA GLN A 549 29.44 -14.67 -31.75
C GLN A 549 30.57 -13.66 -31.94
N ILE A 550 31.80 -14.16 -31.90
CA ILE A 550 32.99 -13.34 -32.07
C ILE A 550 33.32 -13.25 -33.54
N ILE A 551 33.43 -12.03 -34.06
CA ILE A 551 33.76 -11.82 -35.47
C ILE A 551 35.26 -11.73 -35.68
N GLU A 552 35.97 -10.99 -34.82
CA GLU A 552 37.43 -10.92 -34.86
C GLU A 552 37.93 -10.38 -33.54
N GLN A 553 39.17 -10.74 -33.19
CA GLN A 553 39.79 -10.31 -31.95
C GLN A 553 41.26 -9.99 -32.20
N GLY A 554 41.73 -8.92 -31.58
CA GLY A 554 43.13 -8.55 -31.69
C GLY A 554 43.40 -7.24 -30.98
N THR A 555 44.68 -6.88 -30.95
CA THR A 555 45.08 -5.60 -30.37
C THR A 555 44.62 -4.46 -31.27
N HIS A 556 44.56 -3.26 -30.69
CA HIS A 556 44.02 -2.11 -31.41
C HIS A 556 44.83 -1.84 -32.68
N ALA A 557 46.15 -1.76 -32.56
CA ALA A 557 46.99 -1.46 -33.72
C ALA A 557 46.91 -2.55 -34.77
N GLU A 558 46.97 -3.81 -34.35
CA GLU A 558 46.96 -4.92 -35.30
C GLU A 558 45.59 -5.08 -35.95
N LEU A 559 44.52 -4.94 -35.16
CA LEU A 559 43.17 -5.15 -35.66
C LEU A 559 42.63 -3.94 -36.42
N LEU A 560 43.27 -2.78 -36.30
CA LEU A 560 42.91 -1.62 -37.10
C LEU A 560 43.53 -1.64 -38.50
N ALA A 561 44.36 -2.64 -38.80
CA ALA A 561 45.05 -2.72 -40.08
C ALA A 561 44.24 -3.45 -41.15
N ARG A 562 43.00 -3.84 -40.84
CA ARG A 562 42.15 -4.57 -41.78
C ARG A 562 40.82 -3.85 -41.95
N GLN A 563 40.89 -2.53 -42.15
CA GLN A 563 39.74 -1.67 -42.39
C GLN A 563 38.85 -1.57 -41.15
N GLY A 564 38.19 -0.43 -40.97
CA GLY A 564 37.40 -0.15 -39.78
C GLY A 564 36.36 -1.20 -39.45
N ARG A 565 36.59 -1.94 -38.37
CA ARG A 565 35.63 -2.96 -37.93
C ARG A 565 34.31 -2.32 -37.50
N TYR A 566 34.39 -1.31 -36.63
CA TYR A 566 33.25 -0.50 -36.24
C TYR A 566 33.40 0.95 -36.69
N TYR A 567 34.65 1.41 -36.89
CA TYR A 567 34.88 2.74 -37.43
C TYR A 567 34.23 2.91 -38.79
N GLN A 568 34.07 1.82 -39.54
CA GLN A 568 33.61 1.86 -40.93
C GLN A 568 34.50 2.80 -41.75
N PHE A 569 35.80 2.52 -41.72
CA PHE A 569 36.83 3.38 -42.32
C PHE A 569 36.77 4.79 -41.73
N LYS A 570 36.67 4.85 -40.40
CA LYS A 570 36.72 6.11 -39.65
C LYS A 570 35.60 7.06 -40.04
N GLN A 571 34.48 6.52 -40.52
CA GLN A 571 33.32 7.33 -40.88
C GLN A 571 32.06 6.63 -40.39
N GLY A 572 31.19 7.39 -39.73
CA GLY A 572 29.96 6.83 -39.20
C GLY A 572 29.19 7.81 -38.33
N LEU A 573 28.71 7.33 -37.18
CA LEU A 573 27.97 8.18 -36.26
C LEU A 573 28.90 9.09 -35.47
N MET B 1 2.64 18.02 14.68
CA MET B 1 3.42 17.70 15.86
C MET B 1 2.54 17.67 17.12
N ASN B 2 2.64 16.55 17.85
CA ASN B 2 1.90 16.33 19.08
C ASN B 2 0.40 16.56 18.93
N LYS B 3 -0.16 17.44 19.75
CA LYS B 3 -1.59 17.71 19.77
C LYS B 3 -1.99 18.72 18.70
N SER B 4 -1.11 19.66 18.37
CA SER B 4 -1.45 20.72 17.44
C SER B 4 -1.83 20.20 16.06
N ARG B 5 -1.36 19.02 15.68
CA ARG B 5 -1.75 18.41 14.42
C ARG B 5 -2.90 17.43 14.55
N GLN B 6 -2.94 16.67 15.66
CA GLN B 6 -4.05 15.76 15.88
C GLN B 6 -5.38 16.50 15.96
N LYS B 7 -5.39 17.64 16.66
CA LYS B 7 -6.63 18.39 16.81
C LYS B 7 -7.13 18.93 15.47
N GLU B 8 -6.22 19.47 14.65
CA GLU B 8 -6.66 19.99 13.36
C GLU B 8 -7.06 18.88 12.39
N LEU B 9 -6.39 17.72 12.48
CA LEU B 9 -6.83 16.59 11.66
C LEU B 9 -8.23 16.14 12.04
N THR B 10 -8.50 16.03 13.34
CA THR B 10 -9.85 15.67 13.79
C THR B 10 -10.87 16.72 13.37
N ARG B 11 -10.49 18.00 13.47
CA ARG B 11 -11.39 19.07 13.06
C ARG B 11 -11.71 19.00 11.57
N TRP B 12 -10.70 18.71 10.74
CA TRP B 12 -10.95 18.56 9.31
C TRP B 12 -11.85 17.38 9.02
N LEU B 13 -11.63 16.26 9.72
CA LEU B 13 -12.48 15.09 9.53
C LEU B 13 -13.93 15.39 9.91
N LYS B 14 -14.12 16.12 11.01
CA LYS B 14 -15.47 16.50 11.41
C LYS B 14 -16.10 17.46 10.41
N GLN B 15 -15.31 18.41 9.89
CA GLN B 15 -15.84 19.39 8.95
C GLN B 15 -16.26 18.73 7.64
N GLN B 16 -15.49 17.76 7.17
CA GLN B 16 -15.85 17.08 5.92
C GLN B 16 -16.88 15.99 6.17
N SER B 17 -17.96 16.32 6.89
CA SER B 17 -19.04 15.37 7.15
C SER B 17 -20.40 16.04 7.11
N VAL B 18 -20.54 17.12 6.33
CA VAL B 18 -21.79 17.84 6.23
C VAL B 18 -22.58 17.45 4.98
N ILE B 19 -22.29 16.27 4.42
CA ILE B 19 -22.98 15.78 3.24
C ILE B 19 -23.90 14.60 3.56
N SER B 20 -23.94 14.17 4.82
CA SER B 20 -24.81 13.07 5.25
C SER B 20 -25.50 13.41 6.56
N GLN B 21 -25.89 14.67 6.71
CA GLN B 21 -26.53 15.12 7.94
C GLN B 21 -27.85 14.42 8.18
N ARG B 22 -28.64 14.24 7.11
CA ARG B 22 -29.93 13.55 7.24
C ARG B 22 -29.74 12.12 7.72
N TRP B 23 -28.76 11.41 7.14
CA TRP B 23 -28.51 10.03 7.53
C TRP B 23 -28.05 9.96 8.98
N LEU B 24 -27.18 10.88 9.39
CA LEU B 24 -26.71 10.88 10.78
C LEU B 24 -27.87 11.14 11.75
N ASN B 25 -28.75 12.08 11.41
CA ASN B 25 -29.90 12.35 12.27
C ASN B 25 -30.82 11.14 12.36
N ILE B 26 -31.03 10.46 11.23
CA ILE B 26 -31.86 9.26 11.23
C ILE B 26 -31.25 8.20 12.14
N SER B 27 -29.93 8.03 12.07
CA SER B 27 -29.26 7.05 12.94
C SER B 27 -29.45 7.41 14.41
N ARG B 28 -29.35 8.70 14.75
CA ARG B 28 -29.54 9.12 16.13
C ARG B 28 -30.97 8.82 16.61
N LEU B 29 -31.96 9.09 15.77
CA LEU B 29 -33.34 8.79 16.14
C LEU B 29 -33.54 7.29 16.35
N LEU B 30 -32.96 6.48 15.47
CA LEU B 30 -33.07 5.03 15.63
C LEU B 30 -32.39 4.56 16.93
N GLY B 31 -31.29 5.21 17.32
CA GLY B 31 -30.68 4.89 18.60
C GLY B 31 -31.59 5.22 19.77
N PHE B 32 -32.28 6.35 19.70
CA PHE B 32 -33.28 6.67 20.73
C PHE B 32 -34.33 5.56 20.82
N VAL B 33 -34.78 5.01 19.71
CA VAL B 33 -35.87 4.00 19.82
C VAL B 33 -35.29 2.73 20.46
N SER B 34 -34.02 2.41 20.25
CA SER B 34 -33.42 1.24 20.96
C SER B 34 -33.48 1.43 22.48
N GLY B 35 -33.37 2.65 22.99
CA GLY B 35 -33.51 2.89 24.43
C GLY B 35 -34.91 2.52 24.90
N ILE B 36 -35.93 3.07 24.27
CA ILE B 36 -37.26 2.72 24.80
C ILE B 36 -37.40 1.21 24.72
N LEU B 37 -36.89 0.57 23.68
CA LEU B 37 -37.17 -0.89 23.63
C LEU B 37 -36.41 -1.63 24.75
N ILE B 38 -35.15 -1.31 25.04
CA ILE B 38 -34.47 -1.95 26.21
C ILE B 38 -35.26 -1.72 27.50
N ILE B 39 -35.69 -0.48 27.78
CA ILE B 39 -36.47 -0.33 29.05
C ILE B 39 -37.76 -1.17 29.00
N ALA B 40 -38.49 -1.24 27.90
CA ALA B 40 -39.67 -2.12 27.88
C ALA B 40 -39.25 -3.56 28.20
N GLN B 41 -38.27 -4.10 27.49
CA GLN B 41 -37.94 -5.53 27.76
C GLN B 41 -37.65 -5.69 29.25
N ALA B 42 -36.87 -4.78 29.86
CA ALA B 42 -36.58 -5.03 31.28
C ALA B 42 -37.86 -4.98 32.10
N TRP B 43 -38.67 -3.94 32.00
CA TRP B 43 -39.88 -3.95 32.84
C TRP B 43 -40.63 -5.27 32.65
N PHE B 44 -40.86 -5.72 31.41
CA PHE B 44 -41.70 -6.95 31.25
C PHE B 44 -41.03 -8.17 31.91
N MET B 45 -39.75 -8.42 31.69
CA MET B 45 -39.07 -9.55 32.40
C MET B 45 -39.17 -9.39 33.93
N ALA B 46 -38.93 -8.23 34.49
CA ALA B 46 -39.08 -8.14 35.95
C ALA B 46 -40.51 -8.51 36.34
N ARG B 47 -41.50 -7.98 35.64
CA ARG B 47 -42.90 -8.29 35.95
C ARG B 47 -43.17 -9.79 35.99
N ILE B 48 -42.66 -10.52 34.99
CA ILE B 48 -42.86 -12.00 34.93
C ILE B 48 -42.13 -12.64 36.08
N LEU B 49 -40.87 -12.31 36.34
CA LEU B 49 -40.12 -13.02 37.43
C LEU B 49 -40.67 -12.68 38.83
N GLN B 50 -41.16 -11.47 39.13
CA GLN B 50 -41.71 -11.24 40.48
C GLN B 50 -43.00 -12.03 40.60
N HIS B 51 -43.72 -12.26 39.51
CA HIS B 51 -44.94 -13.08 39.70
C HIS B 51 -44.55 -14.55 39.83
N MET B 52 -43.46 -14.96 39.21
CA MET B 52 -43.10 -16.37 39.24
C MET B 52 -42.25 -16.77 40.44
N ILE B 53 -41.43 -15.86 40.99
CA ILE B 53 -40.64 -16.19 42.16
C ILE B 53 -41.38 -15.93 43.47
N MET B 54 -42.35 -15.01 43.46
CA MET B 54 -43.14 -14.72 44.65
C MET B 54 -44.60 -14.66 44.24
N GLU B 55 -45.48 -15.02 45.17
CA GLU B 55 -46.92 -15.10 44.90
C GLU B 55 -47.17 -16.05 43.72
N ASN B 56 -46.87 -17.32 43.98
CA ASN B 56 -46.85 -18.36 42.95
C ASN B 56 -48.06 -18.27 42.02
N ILE B 57 -47.79 -18.06 40.74
CA ILE B 57 -48.81 -17.91 39.71
C ILE B 57 -48.60 -19.02 38.70
N PRO B 58 -49.65 -19.72 38.27
CA PRO B 58 -49.48 -20.79 37.28
C PRO B 58 -48.80 -20.28 36.02
N ARG B 59 -47.95 -21.13 35.44
CA ARG B 59 -47.17 -20.74 34.27
C ARG B 59 -48.07 -20.39 33.09
N GLU B 60 -49.17 -21.13 32.91
CA GLU B 60 -50.08 -20.91 31.80
C GLU B 60 -51.04 -19.75 32.04
N ALA B 61 -50.76 -18.88 33.01
CA ALA B 61 -51.59 -17.72 33.28
C ALA B 61 -50.86 -16.41 33.03
N LEU B 62 -49.70 -16.46 32.38
CA LEU B 62 -48.90 -15.28 32.07
C LEU B 62 -48.66 -15.15 30.58
N LEU B 63 -49.66 -15.51 29.77
CA LEU B 63 -49.53 -15.38 28.33
C LEU B 63 -49.58 -13.94 27.87
N LEU B 64 -50.39 -13.11 28.52
CA LEU B 64 -50.51 -11.71 28.11
C LEU B 64 -49.19 -10.95 28.26
N PRO B 65 -48.46 -11.03 29.38
CA PRO B 65 -47.15 -10.38 29.45
C PRO B 65 -46.03 -11.13 28.74
N PHE B 66 -46.35 -12.17 27.96
CA PHE B 66 -45.33 -13.01 27.32
C PHE B 66 -45.13 -12.68 25.85
N THR B 67 -46.19 -12.36 25.12
CA THR B 67 -46.07 -12.03 23.70
C THR B 67 -45.40 -10.68 23.50
N LEU B 68 -45.63 -9.73 24.41
CA LEU B 68 -45.06 -8.40 24.27
C LEU B 68 -43.53 -8.45 24.31
N LEU B 69 -42.96 -9.37 25.08
CA LEU B 69 -41.52 -9.54 25.09
C LEU B 69 -40.99 -9.96 23.73
N VAL B 70 -41.67 -10.90 23.08
CA VAL B 70 -41.28 -11.35 21.75
C VAL B 70 -41.39 -10.20 20.75
N LEU B 71 -42.48 -9.43 20.84
CA LEU B 71 -42.64 -8.28 19.94
C LEU B 71 -41.50 -7.28 20.14
N THR B 72 -41.13 -7.03 21.39
CA THR B 72 -40.03 -6.11 21.67
C THR B 72 -38.72 -6.62 21.08
N PHE B 73 -38.44 -7.91 21.22
CA PHE B 73 -37.21 -8.47 20.67
C PHE B 73 -37.18 -8.31 19.15
N VAL B 74 -38.30 -8.59 18.48
CA VAL B 74 -38.37 -8.46 17.03
C VAL B 74 -38.15 -7.02 16.61
N LEU B 75 -38.78 -6.07 17.31
CA LEU B 75 -38.62 -4.66 16.99
C LEU B 75 -37.17 -4.22 17.15
N ARG B 76 -36.51 -4.68 18.21
CA ARG B 76 -35.11 -4.30 18.43
C ARG B 76 -34.23 -4.84 17.31
N ALA B 77 -34.47 -6.08 16.86
CA ALA B 77 -33.69 -6.61 15.76
C ALA B 77 -33.89 -5.79 14.49
N TRP B 78 -35.14 -5.42 14.20
CA TRP B 78 -35.43 -4.60 13.02
C TRP B 78 -34.71 -3.26 13.09
N VAL B 79 -34.72 -2.63 14.28
CA VAL B 79 -34.07 -1.34 14.43
C VAL B 79 -32.56 -1.47 14.24
N VAL B 80 -31.96 -2.55 14.74
CA VAL B 80 -30.52 -2.75 14.55
C VAL B 80 -30.19 -2.86 13.07
N TRP B 81 -30.97 -3.64 12.34
CA TRP B 81 -30.74 -3.79 10.90
C TRP B 81 -30.83 -2.44 10.18
N LEU B 82 -31.87 -1.66 10.50
CA LEU B 82 -32.03 -0.36 9.86
C LEU B 82 -30.87 0.56 10.17
N ARG B 83 -30.40 0.57 11.42
CA ARG B 83 -29.27 1.41 11.79
C ARG B 83 -28.03 1.02 11.00
N GLU B 84 -27.78 -0.27 10.84
CA GLU B 84 -26.60 -0.70 10.08
C GLU B 84 -26.65 -0.19 8.65
N ARG B 85 -27.81 -0.37 7.99
CA ARG B 85 -27.91 0.05 6.59
C ARG B 85 -27.74 1.57 6.45
N VAL B 86 -28.39 2.34 7.32
CA VAL B 86 -28.30 3.79 7.25
C VAL B 86 -26.87 4.25 7.46
N GLY B 87 -26.17 3.67 8.44
CA GLY B 87 -24.78 4.01 8.66
C GLY B 87 -23.92 3.74 7.44
N TYR B 88 -24.14 2.61 6.78
CA TYR B 88 -23.34 2.31 5.59
C TYR B 88 -23.57 3.36 4.49
N HIS B 89 -24.82 3.74 4.26
CA HIS B 89 -25.07 4.75 3.22
C HIS B 89 -24.41 6.07 3.55
N ALA B 90 -24.52 6.49 4.82
CA ALA B 90 -23.87 7.73 5.25
C ALA B 90 -22.36 7.66 5.05
N GLY B 91 -21.76 6.50 5.29
CA GLY B 91 -20.34 6.35 5.06
C GLY B 91 -19.97 6.44 3.58
N GLN B 92 -20.82 5.88 2.70
CA GLN B 92 -20.46 5.82 1.28
C GLN B 92 -20.54 7.18 0.61
N HIS B 93 -21.51 8.00 1.00
CA HIS B 93 -21.71 9.28 0.29
C HIS B 93 -20.46 10.17 0.38
N ILE B 94 -19.85 10.25 1.56
CA ILE B 94 -18.69 11.12 1.76
C ILE B 94 -17.51 10.65 0.92
N ARG B 95 -17.30 9.33 0.84
CA ARG B 95 -16.25 8.82 -0.03
C ARG B 95 -16.47 9.20 -1.47
N PHE B 96 -17.72 9.10 -1.95
CA PHE B 96 -18.01 9.50 -3.31
C PHE B 96 -17.60 10.95 -3.55
N ALA B 97 -18.04 11.85 -2.65
CA ALA B 97 -17.74 13.27 -2.84
C ALA B 97 -16.24 13.55 -2.80
N ILE B 98 -15.52 12.94 -1.85
CA ILE B 98 -14.10 13.20 -1.70
C ILE B 98 -13.33 12.70 -2.92
N ARG B 99 -13.67 11.51 -3.42
CA ARG B 99 -12.99 11.01 -4.62
C ARG B 99 -13.24 11.91 -5.81
N ARG B 100 -14.47 12.40 -5.96
CA ARG B 100 -14.75 13.33 -7.05
C ARG B 100 -13.87 14.58 -6.95
N GLN B 101 -13.77 15.15 -5.75
CA GLN B 101 -12.97 16.35 -5.58
C GLN B 101 -11.49 16.10 -5.90
N VAL B 102 -10.96 14.97 -5.42
CA VAL B 102 -9.55 14.67 -5.65
C VAL B 102 -9.27 14.49 -7.14
N LEU B 103 -10.15 13.76 -7.83
CA LEU B 103 -9.95 13.56 -9.27
C LEU B 103 -10.03 14.88 -10.03
N ASP B 104 -10.97 15.75 -9.65
CA ASP B 104 -11.07 17.05 -10.31
C ASP B 104 -9.80 17.87 -10.11
N ARG B 105 -9.27 17.90 -8.90
CA ARG B 105 -8.04 18.64 -8.65
C ARG B 105 -6.87 18.07 -9.45
N LEU B 106 -6.77 16.74 -9.51
CA LEU B 106 -5.68 16.13 -10.27
C LEU B 106 -5.80 16.44 -11.75
N GLN B 107 -7.02 16.43 -12.29
CA GLN B 107 -7.19 16.79 -13.70
C GLN B 107 -6.80 18.25 -13.95
N GLN B 108 -7.20 19.15 -13.04
CA GLN B 108 -6.85 20.55 -13.23
C GLN B 108 -5.37 20.83 -13.02
N ALA B 109 -4.65 19.96 -12.31
CA ALA B 109 -3.25 20.21 -12.02
C ALA B 109 -2.41 20.25 -13.30
N GLY B 110 -2.65 19.31 -14.21
CA GLY B 110 -1.92 19.27 -15.46
C GLY B 110 -0.90 18.15 -15.52
N PRO B 111 -0.49 17.78 -16.74
CA PRO B 111 0.47 16.68 -16.89
C PRO B 111 1.83 16.96 -16.25
N ALA B 112 2.23 18.23 -16.12
CA ALA B 112 3.55 18.53 -15.58
C ALA B 112 3.68 18.06 -14.13
N TRP B 113 2.65 18.27 -13.32
CA TRP B 113 2.70 17.88 -11.93
C TRP B 113 2.53 16.38 -11.74
N ILE B 114 1.79 15.72 -12.62
CA ILE B 114 1.47 14.31 -12.44
C ILE B 114 2.73 13.45 -12.51
N GLN B 115 3.60 13.74 -13.48
CA GLN B 115 4.79 12.91 -13.72
C GLN B 115 5.90 13.23 -12.72
N GLY B 116 5.55 13.12 -11.44
CA GLY B 116 6.52 13.28 -10.37
C GLY B 116 6.63 12.04 -9.50
N LYS B 117 5.54 11.28 -9.41
CA LYS B 117 5.48 10.01 -8.70
C LYS B 117 5.40 8.86 -9.70
N PRO B 118 5.88 7.65 -9.33
CA PRO B 118 5.92 6.52 -10.26
C PRO B 118 4.58 5.83 -10.48
N ALA B 119 3.53 6.64 -10.69
CA ALA B 119 2.22 6.18 -11.14
C ALA B 119 1.55 5.21 -10.17
N GLY B 120 2.16 4.97 -9.02
CA GLY B 120 1.56 4.09 -8.03
C GLY B 120 1.12 4.85 -6.80
N SER B 121 1.82 5.95 -6.51
CA SER B 121 1.51 6.75 -5.34
C SER B 121 0.09 7.32 -5.42
N TRP B 122 -0.30 7.78 -6.60
CA TRP B 122 -1.64 8.39 -6.75
C TRP B 122 -2.73 7.37 -6.49
N ALA B 123 -2.63 6.18 -7.08
CA ALA B 123 -3.65 5.16 -6.89
C ALA B 123 -3.69 4.68 -5.45
N THR B 124 -2.50 4.45 -4.86
CA THR B 124 -2.45 4.08 -3.45
C THR B 124 -3.15 5.12 -2.59
N LEU B 125 -2.77 6.39 -2.76
CA LEU B 125 -3.44 7.48 -2.08
C LEU B 125 -4.95 7.36 -2.20
N VAL B 126 -5.47 7.42 -3.43
CA VAL B 126 -6.91 7.48 -3.64
C VAL B 126 -7.58 6.31 -2.92
N LEU B 127 -7.29 5.08 -3.34
CA LEU B 127 -8.05 3.95 -2.83
C LEU B 127 -7.83 3.75 -1.33
N GLU B 128 -6.58 3.52 -0.94
CA GLU B 128 -6.30 3.12 0.44
C GLU B 128 -6.63 4.23 1.43
N GLN B 129 -6.27 5.47 1.11
CA GLN B 129 -6.49 6.57 2.04
C GLN B 129 -7.86 7.19 1.89
N ILE B 130 -8.73 6.66 1.03
CA ILE B 130 -10.12 7.09 1.00
C ILE B 130 -11.08 6.09 1.62
N ASP B 131 -10.78 4.79 1.60
CA ASP B 131 -11.71 3.84 2.23
C ASP B 131 -11.77 4.00 3.76
N ASP B 132 -10.64 4.37 4.37
CA ASP B 132 -10.59 4.51 5.82
C ASP B 132 -11.57 5.56 6.33
N MET B 133 -11.85 6.59 5.53
CA MET B 133 -12.79 7.62 5.94
C MET B 133 -14.18 7.03 6.14
N HIS B 134 -14.65 6.20 5.20
CA HIS B 134 -15.95 5.55 5.37
C HIS B 134 -15.94 4.67 6.60
N ASP B 135 -14.86 3.88 6.77
CA ASP B 135 -14.80 3.03 7.95
C ASP B 135 -15.01 3.86 9.23
N TYR B 136 -14.22 4.93 9.36
CA TYR B 136 -14.29 5.78 10.55
C TYR B 136 -15.67 6.38 10.74
N TYR B 137 -16.19 7.06 9.72
CA TYR B 137 -17.47 7.74 9.84
C TYR B 137 -18.56 6.77 10.26
N ALA B 138 -18.79 5.75 9.43
CA ALA B 138 -19.92 4.85 9.64
C ALA B 138 -19.81 4.11 10.98
N ARG B 139 -18.62 3.61 11.33
CA ARG B 139 -18.54 2.84 12.55
C ARG B 139 -18.54 3.71 13.80
N TYR B 140 -18.05 4.95 13.71
CA TYR B 140 -17.77 5.71 14.92
C TYR B 140 -18.88 6.71 15.27
N LEU B 141 -19.30 7.55 14.32
CA LEU B 141 -20.13 8.69 14.69
C LEU B 141 -21.45 8.30 15.34
N PRO B 142 -22.21 7.32 14.83
CA PRO B 142 -23.42 6.90 15.56
C PRO B 142 -23.14 6.43 16.98
N GLN B 143 -21.98 5.82 17.22
CA GLN B 143 -21.66 5.39 18.58
C GLN B 143 -21.47 6.58 19.51
N MET B 144 -20.82 7.64 19.03
CA MET B 144 -20.74 8.86 19.81
C MET B 144 -22.11 9.45 20.08
N ALA B 145 -23.01 9.36 19.10
CA ALA B 145 -24.38 9.81 19.33
C ALA B 145 -25.07 8.98 20.42
N LEU B 146 -24.85 7.66 20.40
CA LEU B 146 -25.54 6.77 21.34
C LEU B 146 -25.01 6.91 22.77
N ALA B 147 -23.70 7.13 22.91
CA ALA B 147 -23.07 7.05 24.23
C ALA B 147 -23.61 8.10 25.18
N VAL B 148 -24.02 9.25 24.66
CA VAL B 148 -24.57 10.29 25.53
C VAL B 148 -26.08 10.14 25.66
N SER B 149 -26.73 9.55 24.64
CA SER B 149 -28.19 9.49 24.63
C SER B 149 -28.72 8.42 25.57
N VAL B 150 -28.22 7.18 25.46
CA VAL B 150 -28.84 6.05 26.19
C VAL B 150 -28.74 6.20 27.71
N PRO B 151 -27.58 6.50 28.30
CA PRO B 151 -27.53 6.54 29.78
C PRO B 151 -28.49 7.52 30.42
N LEU B 152 -28.71 8.68 29.82
CA LEU B 152 -29.65 9.64 30.42
C LEU B 152 -31.06 9.09 30.40
N LEU B 153 -31.44 8.39 29.32
CA LEU B 153 -32.76 7.76 29.28
C LEU B 153 -32.89 6.70 30.37
N ILE B 154 -31.85 5.89 30.57
CA ILE B 154 -31.91 4.87 31.61
C ILE B 154 -32.05 5.52 32.99
N VAL B 155 -31.26 6.57 33.24
CA VAL B 155 -31.33 7.25 34.54
C VAL B 155 -32.72 7.83 34.77
N VAL B 156 -33.30 8.45 33.74
CA VAL B 156 -34.64 9.02 33.89
C VAL B 156 -35.65 7.91 34.16
N ALA B 157 -35.53 6.78 33.48
CA ALA B 157 -36.48 5.69 33.67
C ALA B 157 -36.41 5.12 35.09
N ILE B 158 -35.20 4.93 35.62
CA ILE B 158 -35.07 4.27 36.92
C ILE B 158 -35.55 5.16 38.05
N PHE B 159 -35.37 6.48 37.94
CA PHE B 159 -35.57 7.38 39.06
C PHE B 159 -36.95 7.30 39.73
N PRO B 160 -38.08 7.20 39.02
CA PRO B 160 -39.37 7.17 39.73
C PRO B 160 -39.51 6.04 40.73
N SER B 161 -38.85 4.90 40.50
CA SER B 161 -39.00 3.77 41.42
C SER B 161 -38.19 3.98 42.70
N ASN B 162 -36.88 4.11 42.57
CA ASN B 162 -35.99 4.33 43.71
C ASN B 162 -35.04 5.47 43.39
N TRP B 163 -34.80 6.34 44.37
CA TRP B 163 -33.87 7.45 44.20
C TRP B 163 -32.47 7.12 44.70
N ALA B 164 -32.24 5.91 45.20
CA ALA B 164 -30.90 5.47 45.57
C ALA B 164 -30.22 4.73 44.45
N ALA B 165 -30.94 3.83 43.77
CA ALA B 165 -30.38 3.11 42.63
C ALA B 165 -30.02 4.08 41.51
N ALA B 166 -30.85 5.08 41.28
CA ALA B 166 -30.54 6.10 40.27
C ALA B 166 -29.30 6.89 40.67
N LEU B 167 -29.16 7.24 41.95
CA LEU B 167 -27.98 7.96 42.41
C LEU B 167 -26.71 7.12 42.33
N ILE B 168 -26.84 5.79 42.43
CA ILE B 168 -25.66 4.93 42.28
C ILE B 168 -25.07 5.08 40.88
N LEU B 169 -25.93 5.07 39.86
CA LEU B 169 -25.45 5.20 38.48
C LEU B 169 -24.95 6.61 38.20
N LEU B 170 -25.60 7.61 38.79
CA LEU B 170 -25.19 9.00 38.57
C LEU B 170 -23.80 9.26 39.12
N GLY B 171 -23.48 8.68 40.28
CA GLY B 171 -22.21 8.95 40.93
C GLY B 171 -20.99 8.61 40.10
N THR B 172 -21.03 7.47 39.41
CA THR B 172 -19.89 7.00 38.63
C THR B 172 -19.64 7.88 37.40
N ALA B 173 -20.70 8.41 36.81
CA ALA B 173 -20.59 9.06 35.50
C ALA B 173 -19.62 10.23 35.48
N PRO B 174 -19.63 11.16 36.46
CA PRO B 174 -18.56 12.16 36.51
C PRO B 174 -17.17 11.56 36.58
N LEU B 175 -17.03 10.48 37.36
CA LEU B 175 -15.72 10.03 37.79
C LEU B 175 -14.90 9.47 36.62
N ILE B 176 -15.52 8.66 35.77
CA ILE B 176 -14.78 7.95 34.73
C ILE B 176 -14.14 8.95 33.76
N PRO B 177 -14.86 9.97 33.22
CA PRO B 177 -14.18 10.98 32.40
C PRO B 177 -12.98 11.63 33.09
N LEU B 178 -13.18 12.15 34.29
CA LEU B 178 -12.15 12.95 34.95
C LEU B 178 -10.94 12.09 35.30
N PHE B 179 -11.17 10.95 35.96
CA PHE B 179 -10.09 10.03 36.28
C PHE B 179 -9.35 9.58 35.02
N MET B 180 -10.11 9.12 34.03
CA MET B 180 -9.55 8.62 32.79
C MET B 180 -8.66 9.66 32.13
N ALA B 181 -9.21 10.84 31.86
CA ALA B 181 -8.47 11.89 31.16
C ALA B 181 -7.27 12.40 31.96
N LEU B 182 -7.44 12.61 33.26
CA LEU B 182 -6.37 13.24 34.04
C LEU B 182 -5.29 12.25 34.43
N VAL B 183 -5.64 11.21 35.18
CA VAL B 183 -4.64 10.26 35.66
C VAL B 183 -4.92 8.88 35.06
N GLY B 184 -4.10 8.49 34.08
CA GLY B 184 -4.32 7.26 33.36
C GLY B 184 -4.34 7.50 31.86
N MET B 185 -4.25 8.78 31.48
CA MET B 185 -4.22 9.18 30.09
C MET B 185 -3.40 10.46 30.00
N GLY B 186 -3.56 11.20 28.90
CA GLY B 186 -2.72 12.34 28.59
C GLY B 186 -1.69 12.07 27.53
N ALA B 187 -1.56 10.83 27.08
CA ALA B 187 -0.71 10.45 25.97
C ALA B 187 -1.61 9.83 24.91
N ALA B 188 -2.22 10.68 24.08
CA ALA B 188 -3.05 10.24 22.98
C ALA B 188 -2.47 10.60 21.63
N ASP B 189 -1.74 11.70 21.53
CA ASP B 189 -0.96 12.01 20.33
C ASP B 189 0.36 11.27 20.28
N ALA B 190 0.80 10.69 21.40
CA ALA B 190 2.01 9.87 21.40
C ALA B 190 1.77 8.55 20.68
N ASN B 191 0.53 8.05 20.68
CA ASN B 191 0.23 6.85 19.92
C ASN B 191 0.33 7.09 18.42
N ARG B 192 0.11 8.33 17.98
CA ARG B 192 0.29 8.66 16.58
C ARG B 192 1.74 8.45 16.14
N ARG B 193 2.69 8.83 17.00
CA ARG B 193 4.09 8.59 16.70
C ARG B 193 4.38 7.10 16.58
N ASN B 194 3.81 6.29 17.46
CA ASN B 194 4.03 4.85 17.39
C ASN B 194 3.44 4.26 16.11
N PHE B 195 2.25 4.71 15.72
CA PHE B 195 1.66 4.24 14.47
C PHE B 195 2.51 4.64 13.27
N LEU B 196 3.02 5.88 13.28
CA LEU B 196 3.87 6.33 12.19
C LEU B 196 5.16 5.51 12.12
N ALA B 197 5.75 5.21 13.27
CA ALA B 197 6.96 4.38 13.29
C ALA B 197 6.66 2.98 12.78
N LEU B 198 5.50 2.43 13.15
CA LEU B 198 5.12 1.11 12.66
C LEU B 198 4.98 1.10 11.13
N ALA B 199 4.36 2.15 10.58
CA ALA B 199 4.26 2.23 9.13
C ALA B 199 5.63 2.40 8.46
N ARG B 200 6.50 3.23 9.06
CA ARG B 200 7.82 3.45 8.48
C ARG B 200 8.68 2.20 8.57
N LEU B 201 8.45 1.34 9.55
CA LEU B 201 9.17 0.07 9.60
C LEU B 201 8.80 -0.81 8.41
N SER B 202 7.51 -0.86 8.06
CA SER B 202 7.10 -1.60 6.87
C SER B 202 7.68 -0.97 5.62
N GLY B 203 7.73 0.37 5.57
CA GLY B 203 8.38 1.03 4.44
C GLY B 203 9.84 0.66 4.30
N HIS B 204 10.56 0.61 5.42
CA HIS B 204 11.97 0.23 5.39
C HIS B 204 12.14 -1.22 4.98
N PHE B 205 11.26 -2.10 5.45
CA PHE B 205 11.29 -3.49 5.00
C PHE B 205 11.08 -3.59 3.49
N LEU B 206 10.14 -2.80 2.97
CA LEU B 206 9.91 -2.79 1.53
C LEU B 206 11.14 -2.29 0.78
N ASP B 207 11.79 -1.26 1.30
CA ASP B 207 13.01 -0.75 0.67
C ASP B 207 14.11 -1.80 0.66
N ARG B 208 14.27 -2.53 1.77
CA ARG B 208 15.23 -3.63 1.79
C ARG B 208 14.86 -4.70 0.79
N LEU B 209 13.57 -5.03 0.66
CA LEU B 209 13.14 -6.05 -0.26
C LEU B 209 13.33 -5.66 -1.73
N ARG B 210 13.26 -4.38 -2.07
CA ARG B 210 13.63 -3.95 -3.41
C ARG B 210 15.12 -4.04 -3.69
N GLY B 211 15.97 -3.93 -2.68
CA GLY B 211 17.40 -3.98 -2.85
C GLY B 211 18.01 -5.37 -2.73
N MET B 212 17.20 -6.42 -2.89
CA MET B 212 17.71 -7.78 -2.75
C MET B 212 18.78 -8.11 -3.79
N GLU B 213 18.73 -7.45 -4.95
CA GLU B 213 19.71 -7.75 -5.98
C GLU B 213 21.08 -7.19 -5.64
N THR B 214 21.13 -5.96 -5.13
CA THR B 214 22.41 -5.33 -4.81
C THR B 214 23.03 -5.87 -3.53
N LEU B 215 22.30 -6.67 -2.75
CA LEU B 215 22.87 -7.32 -1.58
C LEU B 215 23.48 -8.67 -1.92
N ARG B 216 23.00 -9.33 -2.97
CA ARG B 216 23.54 -10.62 -3.39
C ARG B 216 24.96 -10.49 -3.93
N ILE B 217 25.29 -9.37 -4.58
CA ILE B 217 26.62 -9.22 -5.18
C ILE B 217 27.69 -9.07 -4.11
N PHE B 218 27.42 -8.33 -3.04
CA PHE B 218 28.42 -8.01 -2.04
C PHE B 218 28.49 -9.03 -0.90
N GLY B 219 27.72 -10.12 -0.98
CA GLY B 219 27.81 -11.16 0.02
C GLY B 219 27.04 -10.89 1.30
N ARG B 220 26.20 -9.87 1.34
CA ARG B 220 25.40 -9.56 2.52
C ARG B 220 24.20 -10.50 2.60
N GLY B 221 23.21 -10.16 3.41
CA GLY B 221 22.20 -11.13 3.76
C GLY B 221 22.31 -11.56 5.22
N GLU B 222 22.93 -12.71 5.47
CA GLU B 222 23.11 -13.19 6.83
C GLU B 222 23.63 -12.10 7.77
N ALA B 223 24.49 -11.22 7.27
CA ALA B 223 24.94 -10.07 8.05
C ALA B 223 23.95 -8.91 8.03
N GLU B 224 22.99 -8.92 7.10
CA GLU B 224 21.98 -7.88 7.02
C GLU B 224 20.71 -8.24 7.78
N ILE B 225 20.42 -9.53 7.92
CA ILE B 225 19.19 -9.97 8.58
C ILE B 225 19.15 -9.59 10.05
N GLU B 226 20.30 -9.22 10.63
CA GLU B 226 20.31 -8.75 12.02
C GLU B 226 19.70 -7.36 12.13
N SER B 227 19.76 -6.56 11.07
CA SER B 227 19.21 -5.21 11.13
C SER B 227 17.70 -5.23 11.35
N ILE B 228 16.99 -6.13 10.67
CA ILE B 228 15.54 -6.23 10.86
C ILE B 228 15.22 -6.62 12.29
N ARG B 229 15.94 -7.59 12.85
CA ARG B 229 15.70 -8.01 14.22
C ARG B 229 15.96 -6.89 15.20
N SER B 230 17.06 -6.16 15.02
CA SER B 230 17.36 -5.04 15.91
C SER B 230 16.31 -3.95 15.82
N ALA B 231 15.89 -3.60 14.61
CA ALA B 231 14.87 -2.57 14.44
C ALA B 231 13.55 -2.99 15.07
N SER B 232 13.16 -4.26 14.90
CA SER B 232 11.92 -4.74 15.50
C SER B 232 12.00 -4.72 17.03
N GLU B 233 13.15 -5.13 17.59
CA GLU B 233 13.31 -5.06 19.04
C GLU B 233 13.19 -3.62 19.54
N ASP B 234 13.85 -2.68 18.86
CA ASP B 234 13.77 -1.29 19.27
C ASP B 234 12.34 -0.77 19.19
N PHE B 235 11.63 -1.11 18.11
CA PHE B 235 10.25 -0.65 17.96
C PHE B 235 9.36 -1.23 19.06
N ARG B 236 9.52 -2.51 19.38
CA ARG B 236 8.71 -3.11 20.43
C ARG B 236 8.97 -2.47 21.79
N GLN B 237 10.25 -2.28 22.12
CA GLN B 237 10.59 -1.67 23.40
C GLN B 237 10.09 -0.24 23.49
N ARG B 238 10.17 0.51 22.38
CA ARG B 238 9.65 1.88 22.38
C ARG B 238 8.14 1.88 22.52
N THR B 239 7.45 0.95 21.87
CA THR B 239 5.99 0.93 21.90
C THR B 239 5.46 0.58 23.28
N MET B 240 6.07 -0.42 23.94
CA MET B 240 5.52 -0.85 25.23
C MET B 240 5.86 0.08 26.38
N GLU B 241 6.35 1.28 26.11
CA GLU B 241 6.46 2.27 27.18
C GLU B 241 5.20 3.09 27.34
N VAL B 242 4.35 3.14 26.31
CA VAL B 242 3.11 3.89 26.38
C VAL B 242 1.88 3.00 26.53
N LEU B 243 1.97 1.71 26.17
CA LEU B 243 0.84 0.82 26.33
C LEU B 243 0.59 0.42 27.77
N ARG B 244 1.58 0.64 28.65
CA ARG B 244 1.35 0.43 30.08
C ARG B 244 0.46 1.51 30.67
N LEU B 245 0.27 2.62 29.96
CA LEU B 245 -0.58 3.72 30.41
C LEU B 245 -1.88 3.82 29.64
N ALA B 246 -1.85 3.57 28.32
CA ALA B 246 -3.05 3.68 27.52
C ALA B 246 -4.07 2.58 27.81
N PHE B 247 -3.65 1.52 28.49
CA PHE B 247 -4.57 0.43 28.82
C PHE B 247 -5.19 0.55 30.20
N LEU B 248 -4.90 1.64 30.92
CA LEU B 248 -5.49 1.85 32.23
C LEU B 248 -6.96 2.26 32.13
N SER B 249 -7.38 2.85 31.01
CA SER B 249 -8.76 3.26 30.85
C SER B 249 -9.71 2.07 30.90
N SER B 250 -9.35 0.98 30.23
CA SER B 250 -10.19 -0.22 30.26
C SER B 250 -10.32 -0.77 31.67
N GLY B 251 -9.22 -0.80 32.42
CA GLY B 251 -9.28 -1.25 33.80
C GLY B 251 -10.17 -0.35 34.65
N ILE B 252 -10.07 0.95 34.46
CA ILE B 252 -10.89 1.89 35.23
C ILE B 252 -12.37 1.66 34.92
N LEU B 253 -12.71 1.51 33.64
CA LEU B 253 -14.10 1.33 33.26
C LEU B 253 -14.65 0.01 33.79
N GLU B 254 -13.88 -1.07 33.69
CA GLU B 254 -14.31 -2.36 34.21
C GLU B 254 -14.51 -2.31 35.71
N PHE B 255 -13.58 -1.65 36.42
CA PHE B 255 -13.70 -1.52 37.87
C PHE B 255 -14.96 -0.75 38.24
N PHE B 256 -15.26 0.33 37.53
CA PHE B 256 -16.45 1.11 37.86
C PHE B 256 -17.73 0.32 37.57
N THR B 257 -17.75 -0.42 36.46
CA THR B 257 -18.92 -1.24 36.16
C THR B 257 -19.14 -2.29 37.23
N SER B 258 -18.08 -3.00 37.63
CA SER B 258 -18.22 -4.02 38.65
C SER B 258 -18.64 -3.42 39.99
N LEU B 259 -18.07 -2.26 40.34
CA LEU B 259 -18.45 -1.61 41.58
C LEU B 259 -19.93 -1.22 41.58
N SER B 260 -20.41 -0.66 40.46
CA SER B 260 -21.82 -0.27 40.38
C SER B 260 -22.73 -1.48 40.53
N ILE B 261 -22.42 -2.56 39.81
CA ILE B 261 -23.27 -3.76 39.88
C ILE B 261 -23.28 -4.32 41.29
N ALA B 262 -22.10 -4.43 41.91
CA ALA B 262 -22.01 -4.99 43.26
C ALA B 262 -22.75 -4.13 44.26
N LEU B 263 -22.62 -2.80 44.16
CA LEU B 263 -23.30 -1.92 45.09
C LEU B 263 -24.81 -2.03 44.95
N VAL B 264 -25.32 -2.06 43.72
CA VAL B 264 -26.76 -2.20 43.52
C VAL B 264 -27.25 -3.52 44.10
N ALA B 265 -26.52 -4.60 43.82
CA ALA B 265 -26.93 -5.92 44.32
C ALA B 265 -26.94 -5.94 45.84
N VAL B 266 -25.90 -5.39 46.47
CA VAL B 266 -25.81 -5.43 47.93
C VAL B 266 -26.92 -4.59 48.56
N TYR B 267 -27.14 -3.39 48.03
CA TYR B 267 -28.18 -2.53 48.61
C TYR B 267 -29.55 -3.18 48.51
N PHE B 268 -29.91 -3.65 47.30
CA PHE B 268 -31.25 -4.22 47.16
C PHE B 268 -31.38 -5.54 47.91
N GLY B 269 -30.30 -6.32 48.03
CA GLY B 269 -30.38 -7.54 48.80
C GLY B 269 -30.58 -7.30 50.27
N PHE B 270 -29.87 -6.32 50.84
CA PHE B 270 -30.03 -6.03 52.26
C PHE B 270 -31.26 -5.17 52.56
N SER B 271 -31.91 -4.62 51.53
CA SER B 271 -33.13 -3.88 51.77
C SER B 271 -34.25 -4.78 52.30
N TYR B 272 -34.41 -5.96 51.70
CA TYR B 272 -35.51 -6.84 52.09
C TYR B 272 -35.30 -7.51 53.43
N LEU B 273 -34.07 -7.52 53.95
CA LEU B 273 -33.77 -8.15 55.22
C LEU B 273 -34.07 -7.25 56.42
N GLY B 274 -34.69 -6.10 56.19
CA GLY B 274 -35.02 -5.18 57.27
C GLY B 274 -33.80 -4.58 57.93
N GLU B 275 -32.82 -4.17 57.13
CA GLU B 275 -31.59 -3.58 57.65
C GLU B 275 -31.25 -2.25 56.97
N LEU B 276 -32.17 -1.68 56.18
CA LEU B 276 -31.87 -0.47 55.42
C LEU B 276 -33.19 0.23 55.09
N ASP B 277 -33.12 1.56 55.02
CA ASP B 277 -34.31 2.35 54.69
C ASP B 277 -33.85 3.65 54.04
N PHE B 278 -33.83 3.69 52.70
CA PHE B 278 -33.50 4.90 51.97
C PHE B 278 -34.66 5.42 51.12
N GLY B 279 -35.20 4.62 50.20
CA GLY B 279 -36.09 5.16 49.19
C GLY B 279 -37.32 4.36 48.83
N HIS B 280 -37.94 3.69 49.81
CA HIS B 280 -39.15 2.94 49.50
C HIS B 280 -40.35 3.81 49.19
N TYR B 281 -40.24 5.13 49.31
CA TYR B 281 -41.30 6.07 48.88
C TYR B 281 -42.60 5.82 49.63
N ASP B 282 -42.50 5.49 50.92
CA ASP B 282 -43.63 5.27 51.82
C ASP B 282 -44.54 4.13 51.38
N THR B 283 -44.06 3.24 50.51
CA THR B 283 -44.82 2.05 50.12
C THR B 283 -44.10 0.77 50.49
N GLY B 284 -42.84 0.63 50.11
CA GLY B 284 -42.09 -0.59 50.37
C GLY B 284 -41.29 -1.04 49.17
N VAL B 285 -40.06 -1.50 49.40
CA VAL B 285 -39.19 -1.94 48.31
C VAL B 285 -39.67 -3.30 47.83
N THR B 286 -39.92 -3.42 46.53
CA THR B 286 -40.39 -4.65 45.93
C THR B 286 -39.31 -5.23 45.01
N LEU B 287 -39.37 -6.55 44.84
CA LEU B 287 -38.40 -7.24 44.00
C LEU B 287 -38.47 -6.81 42.54
N ALA B 288 -39.63 -6.34 42.08
CA ALA B 288 -39.78 -5.90 40.70
C ALA B 288 -38.90 -4.71 40.38
N ALA B 289 -38.56 -3.88 41.37
CA ALA B 289 -37.62 -2.79 41.17
C ALA B 289 -36.17 -3.25 41.28
N GLY B 290 -35.87 -4.19 42.17
CA GLY B 290 -34.52 -4.71 42.26
C GLY B 290 -34.08 -5.41 40.99
N PHE B 291 -34.97 -6.21 40.39
CA PHE B 291 -34.62 -6.88 39.16
C PHE B 291 -34.47 -5.89 38.00
N LEU B 292 -35.29 -4.84 37.99
CA LEU B 292 -35.13 -3.81 36.97
C LEU B 292 -33.78 -3.12 37.11
N ALA B 293 -33.39 -2.77 38.33
CA ALA B 293 -32.10 -2.13 38.55
C ALA B 293 -30.95 -3.06 38.15
N LEU B 294 -31.07 -4.35 38.47
CA LEU B 294 -30.02 -5.29 38.11
C LEU B 294 -29.92 -5.48 36.59
N ILE B 295 -31.05 -5.54 35.91
CA ILE B 295 -31.03 -5.78 34.47
C ILE B 295 -30.52 -4.55 33.72
N LEU B 296 -30.95 -3.36 34.13
CA LEU B 296 -30.56 -2.15 33.42
C LEU B 296 -29.13 -1.71 33.69
N ALA B 297 -28.50 -2.22 34.75
CA ALA B 297 -27.14 -1.80 35.08
C ALA B 297 -26.12 -2.16 33.99
N PRO B 298 -26.09 -3.38 33.45
CA PRO B 298 -25.14 -3.64 32.34
C PRO B 298 -25.38 -2.77 31.12
N GLU B 299 -26.63 -2.41 30.83
CA GLU B 299 -26.91 -1.60 29.65
C GLU B 299 -26.44 -0.17 29.79
N PHE B 300 -26.11 0.27 31.01
CA PHE B 300 -25.59 1.62 31.22
C PHE B 300 -24.24 1.80 30.53
N PHE B 301 -23.32 0.87 30.77
CA PHE B 301 -21.94 1.02 30.32
C PHE B 301 -21.66 0.37 28.98
N GLN B 302 -22.58 -0.46 28.47
CA GLN B 302 -22.33 -1.14 27.20
C GLN B 302 -22.03 -0.19 26.05
N PRO B 303 -22.73 0.94 25.87
CA PRO B 303 -22.30 1.87 24.81
C PRO B 303 -20.85 2.32 24.94
N LEU B 304 -20.36 2.51 26.17
CA LEU B 304 -18.99 2.95 26.35
C LEU B 304 -17.98 1.86 26.05
N ARG B 305 -18.32 0.59 26.30
CA ARG B 305 -17.40 -0.50 25.98
C ARG B 305 -17.15 -0.58 24.48
N ASP B 306 -18.19 -0.38 23.68
CA ASP B 306 -18.02 -0.46 22.23
C ASP B 306 -17.11 0.64 21.70
N LEU B 307 -17.04 1.79 22.39
CA LEU B 307 -16.13 2.84 21.96
C LEU B 307 -14.68 2.39 22.04
N GLY B 308 -14.35 1.52 23.00
CA GLY B 308 -13.02 0.96 23.04
C GLY B 308 -12.71 0.05 21.86
N THR B 309 -13.72 -0.67 21.36
CA THR B 309 -13.51 -1.54 20.22
C THR B 309 -13.23 -0.75 18.94
N PHE B 310 -13.82 0.45 18.82
CA PHE B 310 -13.70 1.26 17.62
C PHE B 310 -12.50 2.20 17.65
N TYR B 311 -11.54 1.97 18.55
CA TYR B 311 -10.37 2.84 18.58
C TYR B 311 -9.50 2.64 17.35
N HIS B 312 -9.30 1.38 16.93
CA HIS B 312 -8.47 1.12 15.76
C HIS B 312 -9.09 1.66 14.48
N ALA B 313 -10.40 1.90 14.46
CA ALA B 313 -11.03 2.51 13.30
C ALA B 313 -10.73 4.00 13.21
N LYS B 314 -10.72 4.70 14.35
CA LYS B 314 -10.43 6.13 14.33
C LYS B 314 -8.94 6.39 14.13
N ALA B 315 -8.07 5.61 14.76
CA ALA B 315 -6.64 5.84 14.63
C ALA B 315 -6.15 5.56 13.21
N GLN B 316 -6.83 4.66 12.49
CA GLN B 316 -6.45 4.38 11.11
C GLN B 316 -6.87 5.51 10.17
N ALA B 317 -7.97 6.19 10.47
CA ALA B 317 -8.46 7.24 9.59
C ALA B 317 -7.60 8.50 9.67
N VAL B 318 -6.99 8.76 10.83
CA VAL B 318 -6.18 9.95 10.99
C VAL B 318 -4.95 9.89 10.09
N GLY B 319 -4.37 8.70 9.92
CA GLY B 319 -3.24 8.56 9.02
C GLY B 319 -3.58 8.92 7.60
N ALA B 320 -4.76 8.50 7.12
CA ALA B 320 -5.20 8.86 5.77
C ALA B 320 -5.54 10.34 5.69
N ALA B 321 -6.17 10.89 6.72
CA ALA B 321 -6.53 12.30 6.71
C ALA B 321 -5.30 13.19 6.67
N ASP B 322 -4.19 12.76 7.29
CA ASP B 322 -2.97 13.54 7.23
C ASP B 322 -2.50 13.73 5.80
N SER B 323 -2.40 12.64 5.05
CA SER B 323 -1.95 12.73 3.66
C SER B 323 -2.95 13.47 2.80
N LEU B 324 -4.26 13.25 3.04
CA LEU B 324 -5.26 13.93 2.23
C LEU B 324 -5.22 15.44 2.46
N LYS B 325 -5.04 15.87 3.71
CA LYS B 325 -4.95 17.30 3.99
C LYS B 325 -3.66 17.88 3.43
N THR B 326 -2.57 17.13 3.49
CA THR B 326 -1.31 17.61 2.92
C THR B 326 -1.43 17.79 1.41
N PHE B 327 -2.10 16.86 0.74
CA PHE B 327 -2.25 16.96 -0.72
C PHE B 327 -3.15 18.12 -1.11
N MET B 328 -4.25 18.33 -0.40
CA MET B 328 -5.27 19.29 -0.81
C MET B 328 -4.91 20.73 -0.48
N GLU B 329 -3.87 20.97 0.32
CA GLU B 329 -3.49 22.31 0.72
C GLU B 329 -2.20 22.80 0.07
N THR B 330 -1.61 22.04 -0.83
CA THR B 330 -0.37 22.46 -1.48
C THR B 330 -0.65 23.64 -2.41
N PRO B 331 0.09 24.74 -2.30
CA PRO B 331 -0.14 25.87 -3.21
C PRO B 331 0.52 25.62 -4.57
N LEU B 332 -0.26 25.81 -5.63
CA LEU B 332 0.21 25.60 -6.99
C LEU B 332 0.18 26.93 -7.74
N ALA B 333 0.52 26.87 -9.03
CA ALA B 333 0.55 28.05 -9.88
C ALA B 333 -0.55 28.05 -10.94
N HIS B 334 -0.65 26.99 -11.75
CA HIS B 334 -1.62 26.81 -12.82
C HIS B 334 -1.40 27.82 -13.94
N PRO B 335 -1.79 27.50 -15.17
CA PRO B 335 -1.72 28.49 -16.25
C PRO B 335 -2.93 29.42 -16.18
N GLN B 336 -2.86 30.49 -16.98
CA GLN B 336 -3.90 31.50 -17.02
C GLN B 336 -4.90 31.18 -18.13
N ARG B 337 -6.18 31.29 -17.81
CA ARG B 337 -7.23 30.96 -18.77
C ARG B 337 -7.29 31.99 -19.89
N GLY B 338 -7.82 31.57 -21.03
CA GLY B 338 -7.93 32.43 -22.19
C GLY B 338 -9.34 32.55 -22.72
N GLU B 339 -9.60 33.58 -23.52
CA GLU B 339 -10.94 33.83 -24.05
C GLU B 339 -10.99 33.96 -25.56
N ALA B 340 -9.97 34.53 -26.18
CA ALA B 340 -10.00 34.82 -27.60
C ALA B 340 -9.79 33.55 -28.42
N GLU B 341 -10.25 33.59 -29.67
CA GLU B 341 -10.06 32.52 -30.64
C GLU B 341 -9.61 33.12 -31.96
N LEU B 342 -9.28 32.25 -32.91
CA LEU B 342 -8.78 32.68 -34.22
C LEU B 342 -9.33 31.75 -35.29
N ALA B 343 -9.02 32.09 -36.54
CA ALA B 343 -9.57 31.36 -37.69
C ALA B 343 -8.84 30.04 -37.90
N LEU B 344 -9.54 29.08 -38.51
CA LEU B 344 -9.03 27.74 -38.72
C LEU B 344 -8.24 27.59 -40.01
N THR B 345 -8.13 28.64 -40.83
CA THR B 345 -7.44 28.58 -42.12
C THR B 345 -6.43 29.71 -42.20
N ASP B 346 -5.23 29.49 -41.67
CA ASP B 346 -4.14 30.44 -41.74
C ASP B 346 -2.87 29.79 -41.18
N PRO B 347 -1.69 30.13 -41.69
CA PRO B 347 -0.45 29.63 -41.08
C PRO B 347 -0.18 30.33 -39.75
N LEU B 348 0.56 29.63 -38.90
CA LEU B 348 0.88 30.11 -37.57
C LEU B 348 2.34 30.54 -37.51
N THR B 349 2.56 31.81 -37.16
CA THR B 349 3.90 32.37 -36.99
C THR B 349 4.11 32.65 -35.51
N ILE B 350 5.17 32.07 -34.94
CA ILE B 350 5.43 32.15 -33.51
C ILE B 350 6.62 33.08 -33.28
N GLU B 351 6.43 34.06 -32.40
CA GLU B 351 7.48 34.99 -32.02
C GLU B 351 7.45 35.19 -30.52
N ALA B 352 8.61 35.53 -29.95
CA ALA B 352 8.73 35.72 -28.52
C ALA B 352 9.86 36.70 -28.24
N GLU B 353 9.84 37.27 -27.04
CA GLU B 353 10.86 38.24 -26.63
C GLU B 353 10.91 38.28 -25.12
N ASP B 354 12.05 37.90 -24.53
CA ASP B 354 12.26 37.90 -23.09
C ASP B 354 11.17 37.08 -22.39
N LEU B 355 11.15 35.78 -22.71
CA LEU B 355 10.13 34.87 -22.21
C LEU B 355 10.74 33.89 -21.22
N PHE B 356 10.07 33.68 -20.10
CA PHE B 356 10.50 32.76 -19.06
C PHE B 356 9.43 31.69 -18.85
N ILE B 357 9.85 30.47 -18.53
CA ILE B 357 8.94 29.36 -18.27
C ILE B 357 9.15 28.90 -16.83
N THR B 358 8.05 28.72 -16.10
CA THR B 358 8.08 28.37 -14.69
C THR B 358 7.39 27.04 -14.45
N SER B 359 8.00 26.21 -13.60
CA SER B 359 7.41 24.95 -13.20
C SER B 359 6.14 25.19 -12.39
N PRO B 360 5.24 24.20 -12.32
CA PRO B 360 4.00 24.40 -11.56
C PRO B 360 4.22 24.76 -10.09
N GLU B 361 5.30 24.30 -9.48
CA GLU B 361 5.58 24.69 -8.09
C GLU B 361 6.39 25.99 -8.04
N GLY B 362 7.54 26.02 -8.69
CA GLY B 362 8.36 27.21 -8.69
C GLY B 362 9.60 27.02 -9.54
N LYS B 363 10.52 27.97 -9.41
CA LYS B 363 11.83 27.94 -10.08
C LYS B 363 11.69 28.19 -11.58
N THR B 364 12.64 28.95 -12.14
CA THR B 364 12.66 29.23 -13.57
C THR B 364 13.34 28.07 -14.30
N LEU B 365 12.73 27.64 -15.41
CA LEU B 365 13.18 26.44 -16.11
C LEU B 365 13.86 26.70 -17.43
N ALA B 366 13.62 27.85 -18.08
CA ALA B 366 14.12 28.06 -19.43
C ALA B 366 14.81 29.41 -19.63
N GLY B 367 14.99 30.20 -18.57
CA GLY B 367 15.69 31.46 -18.68
C GLY B 367 15.06 32.39 -19.70
N PRO B 368 15.85 33.34 -20.21
CA PRO B 368 15.34 34.26 -21.23
C PRO B 368 15.44 33.65 -22.63
N LEU B 369 14.42 33.95 -23.45
CA LEU B 369 14.33 33.41 -24.79
C LEU B 369 14.17 34.54 -25.81
N ASN B 370 14.65 34.29 -27.03
CA ASN B 370 14.56 35.27 -28.10
C ASN B 370 14.65 34.53 -29.44
N PHE B 371 13.54 34.44 -30.16
CA PHE B 371 13.51 33.75 -31.43
C PHE B 371 12.34 34.25 -32.25
N THR B 372 12.24 33.76 -33.48
CA THR B 372 11.14 34.10 -34.38
C THR B 372 11.04 33.02 -35.45
N LEU B 373 9.84 32.44 -35.59
CA LEU B 373 9.65 31.31 -36.51
C LEU B 373 8.81 31.74 -37.71
N PRO B 374 9.39 31.83 -38.91
CA PRO B 374 8.58 32.12 -40.08
C PRO B 374 7.58 31.00 -40.35
N ALA B 375 6.45 31.38 -40.95
CA ALA B 375 5.39 30.41 -41.22
C ALA B 375 5.83 29.40 -42.26
N GLY B 376 5.53 28.13 -42.00
CA GLY B 376 5.86 27.05 -42.91
C GLY B 376 7.25 26.50 -42.79
N GLN B 377 8.06 27.01 -41.86
CA GLN B 377 9.43 26.56 -41.69
C GLN B 377 9.52 25.41 -40.70
N ARG B 378 10.64 24.71 -40.73
CA ARG B 378 10.92 23.59 -39.83
C ARG B 378 12.12 23.96 -38.97
N ALA B 379 11.95 23.89 -37.66
CA ALA B 379 12.98 24.28 -36.71
C ALA B 379 13.29 23.11 -35.78
N VAL B 380 14.57 22.88 -35.51
CA VAL B 380 15.04 21.80 -34.66
C VAL B 380 15.77 22.41 -33.47
N LEU B 381 15.43 21.96 -32.27
CA LEU B 381 16.00 22.50 -31.04
C LEU B 381 16.88 21.41 -30.41
N VAL B 382 18.13 21.36 -30.85
CA VAL B 382 19.11 20.41 -30.34
C VAL B 382 19.83 21.04 -29.17
N GLY B 383 20.53 20.23 -28.38
CA GLY B 383 21.31 20.76 -27.28
C GLY B 383 21.73 19.67 -26.32
N ARG B 384 22.42 20.12 -25.27
CA ARG B 384 22.88 19.22 -24.23
C ARG B 384 21.70 18.67 -23.42
N SER B 385 21.86 17.43 -22.97
CA SER B 385 20.82 16.81 -22.15
C SER B 385 20.74 17.50 -20.78
N GLY B 386 19.53 17.57 -20.25
CA GLY B 386 19.33 18.22 -18.97
C GLY B 386 19.40 19.72 -19.01
N SER B 387 19.23 20.32 -20.19
CA SER B 387 19.25 21.77 -20.35
C SER B 387 17.86 22.36 -20.48
N GLY B 388 16.83 21.60 -20.13
CA GLY B 388 15.46 22.07 -20.28
C GLY B 388 15.03 22.24 -21.72
N LYS B 389 15.44 21.31 -22.60
CA LYS B 389 15.01 21.38 -23.99
C LYS B 389 13.50 21.19 -24.12
N SER B 390 12.96 20.20 -23.41
CA SER B 390 11.54 19.92 -23.47
C SER B 390 10.76 20.83 -22.52
N SER B 391 10.99 22.13 -22.61
CA SER B 391 10.24 23.13 -21.87
C SER B 391 9.50 24.09 -22.78
N LEU B 392 10.11 24.49 -23.90
CA LEU B 392 9.40 25.27 -24.89
C LEU B 392 8.24 24.50 -25.49
N LEU B 393 8.39 23.19 -25.66
CA LEU B 393 7.30 22.36 -26.16
C LEU B 393 6.11 22.38 -25.20
N ASN B 394 6.36 22.28 -23.90
CA ASN B 394 5.27 22.32 -22.93
C ASN B 394 4.69 23.72 -22.80
N ALA B 395 5.52 24.75 -22.96
CA ALA B 395 5.02 26.12 -22.93
C ALA B 395 4.07 26.38 -24.10
N LEU B 396 4.43 25.91 -25.29
CA LEU B 396 3.53 26.06 -26.44
C LEU B 396 2.28 25.22 -26.29
N SER B 397 2.41 24.02 -25.71
CA SER B 397 1.26 23.13 -25.55
C SER B 397 0.27 23.62 -24.50
N GLY B 398 0.63 24.63 -23.72
CA GLY B 398 -0.29 25.14 -22.71
C GLY B 398 -0.32 24.35 -21.43
N PHE B 399 0.76 23.65 -21.09
CA PHE B 399 0.85 22.90 -19.84
C PHE B 399 1.59 23.65 -18.74
N LEU B 400 2.26 24.75 -19.06
CA LEU B 400 3.06 25.48 -18.10
C LEU B 400 2.77 26.96 -18.17
N SER B 401 2.85 27.63 -17.02
CA SER B 401 2.75 29.07 -16.97
C SER B 401 4.05 29.70 -17.44
N TYR B 402 3.97 30.96 -17.86
CA TYR B 402 5.14 31.65 -18.38
C TYR B 402 5.02 33.15 -18.10
N GLN B 403 6.15 33.84 -18.25
CA GLN B 403 6.23 35.28 -18.06
C GLN B 403 6.76 35.91 -19.35
N GLY B 404 6.12 36.98 -19.80
CA GLY B 404 6.53 37.64 -21.01
C GLY B 404 5.49 37.56 -22.11
N SER B 405 5.94 37.58 -23.36
CA SER B 405 5.05 37.55 -24.51
C SER B 405 5.36 36.33 -25.38
N LEU B 406 4.33 35.55 -25.67
CA LEU B 406 4.41 34.44 -26.61
C LEU B 406 3.26 34.61 -27.59
N ARG B 407 3.55 34.96 -28.83
CA ARG B 407 2.56 35.40 -29.79
C ARG B 407 2.32 34.33 -30.85
N ILE B 408 1.07 33.95 -31.04
CA ILE B 408 0.66 33.05 -32.10
C ILE B 408 -0.10 33.85 -33.14
N ASN B 409 0.62 34.33 -34.16
CA ASN B 409 0.05 35.21 -35.18
C ASN B 409 -0.52 36.48 -34.55
N GLY B 410 0.32 37.17 -33.78
CA GLY B 410 -0.07 38.42 -33.14
C GLY B 410 -0.60 38.26 -31.74
N ILE B 411 -1.67 37.48 -31.57
CA ILE B 411 -2.30 37.33 -30.27
C ILE B 411 -1.37 36.58 -29.31
N GLU B 412 -1.44 36.96 -28.03
CA GLU B 412 -0.67 36.26 -27.01
C GLU B 412 -1.25 34.86 -26.79
N LEU B 413 -0.62 34.10 -25.90
CA LEU B 413 -1.06 32.74 -25.62
C LEU B 413 -1.90 32.62 -24.36
N ARG B 414 -1.84 33.60 -23.44
CA ARG B 414 -2.70 33.58 -22.28
C ARG B 414 -4.15 33.93 -22.61
N ASP B 415 -4.43 34.38 -23.83
CA ASP B 415 -5.77 34.79 -24.23
C ASP B 415 -6.50 33.77 -25.07
N LEU B 416 -5.81 32.72 -25.54
CA LEU B 416 -6.43 31.74 -26.42
C LEU B 416 -7.23 30.72 -25.62
N SER B 417 -8.38 30.33 -26.18
CA SER B 417 -9.22 29.33 -25.54
C SER B 417 -8.67 27.94 -25.80
N PRO B 418 -8.41 27.13 -24.77
CA PRO B 418 -7.81 25.80 -24.99
C PRO B 418 -8.61 24.92 -25.93
N GLU B 419 -9.95 24.96 -25.84
CA GLU B 419 -10.76 24.10 -26.69
C GLU B 419 -10.78 24.53 -28.14
N SER B 420 -10.28 25.73 -28.45
CA SER B 420 -10.12 26.18 -29.82
C SER B 420 -8.65 26.31 -30.23
N TRP B 421 -7.73 26.09 -29.29
CA TRP B 421 -6.29 26.11 -29.58
C TRP B 421 -5.72 24.71 -29.74
N ARG B 422 -6.12 23.77 -28.87
CA ARG B 422 -5.63 22.40 -28.96
C ARG B 422 -6.11 21.68 -30.21
N LYS B 423 -7.09 22.25 -30.93
CA LYS B 423 -7.52 21.67 -32.20
C LYS B 423 -6.56 21.95 -33.34
N HIS B 424 -5.54 22.79 -33.11
CA HIS B 424 -4.55 23.11 -34.12
C HIS B 424 -3.24 22.36 -33.93
N LEU B 425 -3.15 21.48 -32.94
CA LEU B 425 -1.91 20.81 -32.58
C LEU B 425 -1.96 19.33 -32.91
N SER B 426 -0.79 18.70 -32.86
CA SER B 426 -0.64 17.26 -33.04
C SER B 426 0.69 16.86 -32.44
N TRP B 427 0.67 15.89 -31.53
CA TRP B 427 1.78 15.61 -30.64
C TRP B 427 2.33 14.21 -30.88
N VAL B 428 3.65 14.08 -30.80
CA VAL B 428 4.32 12.79 -30.86
C VAL B 428 5.22 12.69 -29.63
N GLY B 429 4.97 11.67 -28.80
CA GLY B 429 5.61 11.56 -27.50
C GLY B 429 6.86 10.71 -27.50
N GLN B 430 7.75 11.01 -26.54
CA GLN B 430 8.94 10.19 -26.35
C GLN B 430 8.58 8.81 -25.82
N ASN B 431 7.73 8.76 -24.79
CA ASN B 431 7.26 7.50 -24.23
C ASN B 431 5.83 7.26 -24.69
N PRO B 432 5.58 6.28 -25.55
CA PRO B 432 4.22 6.10 -26.08
C PRO B 432 3.25 5.65 -25.02
N GLN B 433 1.98 6.01 -25.22
CA GLN B 433 0.90 5.59 -24.34
C GLN B 433 -0.31 5.25 -25.19
N LEU B 434 -1.00 4.18 -24.82
CA LEU B 434 -2.16 3.69 -25.59
C LEU B 434 -3.35 3.59 -24.64
N PRO B 435 -4.06 4.69 -24.41
CA PRO B 435 -5.22 4.68 -23.49
C PRO B 435 -6.51 4.26 -24.20
N ALA B 436 -6.50 3.05 -24.76
CA ALA B 436 -7.68 2.49 -25.41
C ALA B 436 -7.60 0.97 -25.31
N ALA B 437 -8.49 0.28 -26.02
CA ALA B 437 -8.54 -1.17 -26.00
C ALA B 437 -8.15 -1.77 -27.35
N THR B 438 -8.85 -1.40 -28.42
CA THR B 438 -8.57 -1.94 -29.74
C THR B 438 -7.53 -1.11 -30.46
N LEU B 439 -6.68 -1.78 -31.24
CA LEU B 439 -5.64 -1.07 -31.98
C LEU B 439 -6.23 -0.11 -33.01
N ARG B 440 -7.44 -0.39 -33.50
CA ARG B 440 -8.12 0.56 -34.37
C ARG B 440 -8.51 1.82 -33.60
N ASP B 441 -8.91 1.66 -32.35
CA ASP B 441 -9.27 2.82 -31.53
C ASP B 441 -8.06 3.70 -31.23
N ASN B 442 -6.90 3.08 -30.97
CA ASN B 442 -5.71 3.87 -30.71
C ASN B 442 -5.22 4.63 -31.93
N VAL B 443 -5.71 4.28 -33.13
CA VAL B 443 -5.41 5.03 -34.33
C VAL B 443 -6.46 6.09 -34.60
N LEU B 444 -7.74 5.77 -34.39
CA LEU B 444 -8.81 6.72 -34.63
C LEU B 444 -9.18 7.52 -33.38
N LEU B 445 -8.30 7.56 -32.38
CA LEU B 445 -8.53 8.39 -31.20
C LEU B 445 -8.78 9.86 -31.58
N ALA B 446 -8.09 10.34 -32.62
CA ALA B 446 -8.29 11.73 -33.04
C ALA B 446 -9.70 11.96 -33.54
N ARG B 447 -10.23 11.05 -34.34
CA ARG B 447 -11.59 11.12 -34.86
C ARG B 447 -12.24 9.75 -34.74
N PRO B 448 -13.16 9.56 -33.79
CA PRO B 448 -13.68 8.20 -33.55
C PRO B 448 -14.71 7.78 -34.59
N ASP B 449 -14.42 8.09 -35.86
CA ASP B 449 -15.19 7.62 -37.01
C ASP B 449 -14.48 8.07 -38.28
N ALA B 450 -14.54 7.27 -39.34
CA ALA B 450 -13.86 7.59 -40.60
C ALA B 450 -14.32 6.60 -41.66
N SER B 451 -13.73 6.72 -42.84
CA SER B 451 -13.97 5.80 -43.95
C SER B 451 -13.08 4.56 -43.79
N GLU B 452 -12.93 3.77 -44.85
CA GLU B 452 -12.09 2.58 -44.83
C GLU B 452 -10.85 2.71 -45.71
N GLN B 453 -10.45 3.93 -46.06
CA GLN B 453 -9.24 4.14 -46.84
C GLN B 453 -8.12 4.84 -46.09
N GLU B 454 -8.44 5.56 -45.01
CA GLU B 454 -7.38 6.14 -44.19
C GLU B 454 -6.61 5.06 -43.44
N LEU B 455 -7.28 4.02 -42.96
CA LEU B 455 -6.56 2.91 -42.37
C LEU B 455 -5.75 2.13 -43.39
N GLN B 456 -6.03 2.31 -44.68
CA GLN B 456 -5.15 1.75 -45.70
C GLN B 456 -3.93 2.64 -45.91
N ALA B 457 -4.13 3.86 -46.40
CA ALA B 457 -3.03 4.77 -46.68
C ALA B 457 -2.79 5.76 -45.55
N ALA B 458 -2.70 5.28 -44.30
CA ALA B 458 -2.40 6.18 -43.19
C ALA B 458 -1.01 6.81 -43.25
N LEU B 459 0.04 6.01 -43.04
CA LEU B 459 1.38 6.57 -42.87
C LEU B 459 2.38 6.08 -43.90
N ASP B 460 2.75 4.80 -43.86
CA ASP B 460 3.79 4.22 -44.70
C ASP B 460 3.78 2.73 -44.36
N ASN B 461 4.84 2.00 -44.69
CA ASN B 461 4.92 0.62 -44.22
C ASN B 461 5.14 0.59 -42.71
N ALA B 462 4.13 1.03 -41.96
CA ALA B 462 4.16 1.08 -40.50
C ALA B 462 3.25 0.00 -39.93
N TRP B 463 3.06 0.04 -38.61
CA TRP B 463 2.24 -0.98 -37.95
C TRP B 463 0.78 -0.95 -38.38
N VAL B 464 0.40 -0.03 -39.28
CA VAL B 464 -0.94 -0.01 -39.83
C VAL B 464 -1.02 -0.73 -41.17
N SER B 465 -0.05 -0.54 -42.07
CA SER B 465 -0.03 -1.22 -43.36
C SER B 465 0.64 -2.58 -43.26
N GLU B 466 1.91 -2.60 -42.86
CA GLU B 466 2.63 -3.83 -42.60
C GLU B 466 2.47 -4.20 -41.13
N PHE B 467 3.18 -5.22 -40.67
CA PHE B 467 3.06 -5.61 -39.24
C PHE B 467 1.61 -6.05 -38.97
N LEU B 468 0.86 -6.39 -40.00
CA LEU B 468 -0.48 -6.95 -39.84
C LEU B 468 -0.47 -8.47 -39.86
N PRO B 469 0.19 -9.14 -40.83
CA PRO B 469 0.18 -10.61 -40.82
C PRO B 469 1.23 -11.18 -39.87
N LEU B 470 1.32 -10.62 -38.67
CA LEU B 470 2.19 -11.14 -37.63
C LEU B 470 1.49 -11.30 -36.28
N LEU B 471 0.38 -10.63 -36.05
CA LEU B 471 -0.50 -10.69 -34.88
C LEU B 471 -1.68 -11.61 -35.16
N PRO B 472 -2.10 -12.41 -34.18
CA PRO B 472 -3.15 -13.40 -34.44
C PRO B 472 -4.55 -12.81 -34.48
N GLN B 473 -4.72 -11.70 -35.18
CA GLN B 473 -6.02 -11.06 -35.39
C GLN B 473 -5.83 -9.94 -36.40
N GLY B 474 -6.89 -9.18 -36.64
CA GLY B 474 -6.86 -8.08 -37.58
C GLY B 474 -6.52 -6.76 -36.93
N VAL B 475 -7.08 -5.67 -37.47
CA VAL B 475 -6.81 -4.34 -36.95
C VAL B 475 -7.61 -4.02 -35.70
N ASP B 476 -8.59 -4.84 -35.34
CA ASP B 476 -9.39 -4.63 -34.14
C ASP B 476 -8.90 -5.45 -32.95
N THR B 477 -7.65 -5.90 -32.99
CA THR B 477 -7.12 -6.73 -31.91
C THR B 477 -6.95 -5.90 -30.64
N PRO B 478 -7.48 -6.36 -29.49
CA PRO B 478 -7.38 -5.59 -28.25
C PRO B 478 -5.95 -5.48 -27.74
N VAL B 479 -5.44 -4.25 -27.66
CA VAL B 479 -4.03 -4.05 -27.32
C VAL B 479 -3.73 -4.52 -25.91
N GLY B 480 -4.55 -4.14 -24.95
CA GLY B 480 -4.32 -4.51 -23.56
C GLY B 480 -3.87 -3.35 -22.71
N ASP B 481 -3.32 -3.69 -21.55
CA ASP B 481 -2.91 -2.70 -20.57
C ASP B 481 -1.51 -2.18 -20.90
N GLN B 482 -1.43 -0.89 -21.23
CA GLN B 482 -0.16 -0.21 -21.50
C GLN B 482 0.63 -0.89 -22.62
N ALA B 483 -0.07 -1.47 -23.58
CA ALA B 483 0.53 -2.13 -24.74
C ALA B 483 1.59 -3.15 -24.32
N ALA B 484 1.19 -4.03 -23.39
CA ALA B 484 2.12 -5.01 -22.86
C ALA B 484 2.60 -5.99 -23.93
N ARG B 485 1.69 -6.43 -24.81
CA ARG B 485 2.06 -7.41 -25.83
C ARG B 485 2.90 -6.78 -26.93
N LEU B 486 2.73 -5.48 -27.19
CA LEU B 486 3.53 -4.79 -28.19
C LEU B 486 4.73 -4.16 -27.50
N SER B 487 5.87 -4.87 -27.54
CA SER B 487 7.05 -4.47 -26.78
C SER B 487 8.09 -3.74 -27.60
N VAL B 488 8.18 -4.02 -28.90
CA VAL B 488 9.22 -3.42 -29.73
C VAL B 488 8.93 -1.93 -29.88
N GLY B 489 9.71 -1.11 -29.18
CA GLY B 489 9.54 0.33 -29.21
C GLY B 489 8.33 0.84 -28.46
N GLN B 490 7.59 -0.04 -27.78
CA GLN B 490 6.31 0.31 -27.15
C GLN B 490 5.37 0.99 -28.16
N ALA B 491 5.40 0.49 -29.39
CA ALA B 491 4.55 0.96 -30.48
C ALA B 491 4.81 2.43 -30.81
N GLN B 492 6.05 2.72 -31.19
CA GLN B 492 6.34 4.03 -31.78
C GLN B 492 6.16 4.01 -33.29
N ARG B 493 5.07 3.41 -33.76
CA ARG B 493 4.59 3.57 -35.13
C ARG B 493 3.08 3.67 -35.20
N VAL B 494 2.37 3.40 -34.11
CA VAL B 494 0.94 3.69 -34.04
C VAL B 494 0.70 5.12 -33.58
N ALA B 495 1.54 5.65 -32.68
CA ALA B 495 1.43 7.05 -32.29
C ALA B 495 1.68 7.97 -33.47
N VAL B 496 2.66 7.64 -34.31
CA VAL B 496 2.94 8.47 -35.48
C VAL B 496 1.79 8.39 -36.47
N ALA B 497 1.16 7.21 -36.61
CA ALA B 497 -0.02 7.10 -37.45
C ALA B 497 -1.17 7.94 -36.91
N ARG B 498 -1.34 7.92 -35.59
CA ARG B 498 -2.39 8.72 -34.95
C ARG B 498 -2.16 10.20 -35.20
N ALA B 499 -0.91 10.65 -35.11
CA ALA B 499 -0.61 12.05 -35.40
C ALA B 499 -0.83 12.39 -36.87
N LEU B 500 -0.44 11.48 -37.77
CA LEU B 500 -0.54 11.73 -39.20
C LEU B 500 -1.96 11.63 -39.74
N LEU B 501 -2.85 10.96 -39.01
CA LEU B 501 -4.22 10.80 -39.49
C LEU B 501 -4.93 12.14 -39.61
N ASN B 502 -4.79 13.00 -38.62
CA ASN B 502 -5.49 14.28 -38.59
C ASN B 502 -4.61 15.37 -39.19
N PRO B 503 -5.10 16.10 -40.20
CA PRO B 503 -4.32 17.25 -40.71
C PRO B 503 -4.28 18.37 -39.69
N CYS B 504 -3.07 18.88 -39.43
CA CYS B 504 -2.83 19.83 -38.36
C CYS B 504 -2.11 21.06 -38.90
N SER B 505 -1.89 22.04 -38.02
CA SER B 505 -1.24 23.28 -38.38
C SER B 505 0.03 23.58 -37.59
N LEU B 506 0.33 22.79 -36.55
CA LEU B 506 1.57 22.96 -35.79
C LEU B 506 1.91 21.61 -35.16
N LEU B 507 2.90 20.92 -35.72
CA LEU B 507 3.25 19.57 -35.32
C LEU B 507 4.44 19.62 -34.37
N LEU B 508 4.24 19.14 -33.15
CA LEU B 508 5.27 19.13 -32.11
C LEU B 508 5.81 17.72 -31.91
N LEU B 509 7.13 17.59 -31.90
CA LEU B 509 7.80 16.30 -31.77
C LEU B 509 8.75 16.33 -30.59
N ASP B 510 8.76 15.25 -29.81
CA ASP B 510 9.54 15.18 -28.57
C ASP B 510 10.36 13.89 -28.59
N GLU B 511 11.55 13.96 -29.18
CA GLU B 511 12.43 12.81 -29.38
C GLU B 511 11.67 11.57 -29.83
N PRO B 512 11.06 11.60 -31.02
CA PRO B 512 10.25 10.44 -31.46
C PRO B 512 11.07 9.23 -31.86
N ALA B 513 12.37 9.39 -32.13
CA ALA B 513 13.18 8.32 -32.70
C ALA B 513 13.82 7.43 -31.65
N ALA B 514 13.55 7.65 -30.37
CA ALA B 514 14.20 6.87 -29.33
C ALA B 514 13.67 5.44 -29.30
N SER B 515 14.57 4.50 -29.02
CA SER B 515 14.24 3.08 -28.78
C SER B 515 13.53 2.46 -29.98
N LEU B 516 14.25 2.38 -31.09
CA LEU B 516 13.75 1.74 -32.30
C LEU B 516 14.91 1.06 -33.03
N ASP B 517 14.56 0.11 -33.89
CA ASP B 517 15.57 -0.55 -34.71
C ASP B 517 15.84 0.26 -35.97
N ALA B 518 16.93 -0.11 -36.65
CA ALA B 518 17.44 0.71 -37.75
C ALA B 518 16.40 0.90 -38.85
N HIS B 519 15.75 -0.19 -39.28
CA HIS B 519 14.70 -0.07 -40.28
C HIS B 519 13.53 0.74 -39.76
N SER B 520 13.12 0.50 -38.50
CA SER B 520 12.05 1.26 -37.91
C SER B 520 12.41 2.74 -37.81
N GLU B 521 13.65 3.05 -37.40
CA GLU B 521 14.08 4.45 -37.37
C GLU B 521 14.03 5.07 -38.74
N GLN B 522 14.52 4.35 -39.77
CA GLN B 522 14.52 4.88 -41.11
C GLN B 522 13.11 5.23 -41.57
N ARG B 523 12.17 4.29 -41.38
CA ARG B 523 10.80 4.54 -41.82
C ARG B 523 10.16 5.66 -41.01
N VAL B 524 10.44 5.71 -39.70
CA VAL B 524 9.84 6.74 -38.85
C VAL B 524 10.32 8.12 -39.28
N MET B 525 11.63 8.28 -39.51
CA MET B 525 12.11 9.59 -39.94
C MET B 525 11.67 9.93 -41.35
N GLU B 526 11.52 8.95 -42.24
CA GLU B 526 11.00 9.24 -43.57
C GLU B 526 9.58 9.80 -43.46
N ALA B 527 8.72 9.14 -42.68
CA ALA B 527 7.36 9.63 -42.50
C ALA B 527 7.35 11.00 -41.82
N LEU B 528 8.25 11.19 -40.84
CA LEU B 528 8.31 12.47 -40.13
C LEU B 528 8.72 13.62 -41.05
N ASN B 529 9.70 13.39 -41.92
CA ASN B 529 10.08 14.42 -42.87
C ASN B 529 8.95 14.71 -43.86
N ALA B 530 8.30 13.64 -44.34
CA ALA B 530 7.16 13.84 -45.25
C ALA B 530 6.06 14.64 -44.59
N ALA B 531 5.84 14.43 -43.29
CA ALA B 531 4.82 15.20 -42.58
C ALA B 531 5.25 16.64 -42.35
N SER B 532 6.50 16.84 -41.95
CA SER B 532 6.98 18.18 -41.62
C SER B 532 7.16 19.05 -42.86
N LEU B 533 7.23 18.46 -44.05
CA LEU B 533 7.32 19.26 -45.26
C LEU B 533 6.08 20.08 -45.55
N ARG B 534 4.96 19.82 -44.87
CA ARG B 534 3.69 20.43 -45.21
C ARG B 534 3.31 21.64 -44.36
N GLN B 535 3.80 21.74 -43.13
CA GLN B 535 3.38 22.81 -42.24
C GLN B 535 4.49 23.11 -41.25
N THR B 536 4.30 24.20 -40.49
CA THR B 536 5.26 24.60 -39.48
C THR B 536 5.50 23.47 -38.48
N THR B 537 6.77 23.21 -38.18
CA THR B 537 7.15 22.09 -37.32
C THR B 537 8.20 22.56 -36.33
N LEU B 538 8.11 22.04 -35.10
CA LEU B 538 9.07 22.35 -34.05
C LEU B 538 9.49 21.04 -33.40
N MET B 539 10.70 20.58 -33.73
CA MET B 539 11.18 19.27 -33.33
C MET B 539 12.32 19.39 -32.33
N VAL B 540 12.26 18.59 -31.27
CA VAL B 540 13.33 18.48 -30.28
C VAL B 540 13.88 17.07 -30.37
N THR B 541 15.15 16.95 -30.77
CA THR B 541 15.74 15.65 -31.03
C THR B 541 17.20 15.65 -30.62
N HIS B 542 17.75 14.44 -30.44
CA HIS B 542 19.14 14.26 -30.10
C HIS B 542 19.96 13.61 -31.22
N GLN B 543 19.32 12.95 -32.18
CA GLN B 543 20.04 12.38 -33.31
C GLN B 543 20.61 13.49 -34.17
N LEU B 544 21.84 13.28 -34.65
CA LEU B 544 22.57 14.30 -35.41
C LEU B 544 22.85 13.83 -36.84
N GLU B 545 21.87 13.18 -37.47
CA GLU B 545 21.99 12.71 -38.84
C GLU B 545 20.86 13.27 -39.69
N ASP B 546 21.16 13.49 -40.97
CA ASP B 546 20.20 14.01 -41.95
C ASP B 546 19.62 15.35 -41.49
N LEU B 547 20.46 16.21 -40.94
CA LEU B 547 20.05 17.54 -40.50
C LEU B 547 20.29 18.60 -41.56
N ALA B 548 20.78 18.23 -42.74
CA ALA B 548 21.02 19.21 -43.79
C ALA B 548 19.74 19.84 -44.32
N ASP B 549 18.61 19.14 -44.21
CA ASP B 549 17.36 19.65 -44.75
C ASP B 549 16.70 20.68 -43.84
N TRP B 550 17.02 20.69 -42.55
CA TRP B 550 16.33 21.56 -41.60
C TRP B 550 16.79 23.00 -41.76
N ASP B 551 15.83 23.92 -41.70
CA ASP B 551 16.09 25.31 -42.05
C ASP B 551 17.02 25.97 -41.04
N VAL B 552 16.72 25.85 -39.75
CA VAL B 552 17.47 26.53 -38.71
C VAL B 552 17.66 25.57 -37.54
N ILE B 553 18.86 25.56 -36.98
CA ILE B 553 19.22 24.69 -35.87
C ILE B 553 19.52 25.55 -34.65
N TRP B 554 18.82 25.28 -33.55
CA TRP B 554 19.04 25.97 -32.29
C TRP B 554 19.75 25.05 -31.31
N VAL B 555 20.73 25.59 -30.60
CA VAL B 555 21.46 24.86 -29.56
C VAL B 555 21.09 25.48 -28.21
N MET B 556 20.62 24.64 -27.29
CA MET B 556 20.13 25.08 -26.00
C MET B 556 21.13 24.64 -24.93
N GLN B 557 21.77 25.60 -24.27
CA GLN B 557 22.69 25.34 -23.17
C GLN B 557 22.24 26.15 -21.97
N ASP B 558 21.97 25.45 -20.86
CA ASP B 558 21.50 26.08 -19.62
C ASP B 558 20.23 26.89 -19.86
N GLY B 559 19.40 26.46 -20.79
CA GLY B 559 18.17 27.16 -21.10
C GLY B 559 18.30 28.35 -22.02
N ARG B 560 19.52 28.66 -22.48
CA ARG B 560 19.75 29.84 -23.31
C ARG B 560 20.23 29.40 -24.69
N ILE B 561 19.62 29.96 -25.74
CA ILE B 561 20.06 29.69 -27.10
C ILE B 561 21.36 30.44 -27.36
N ILE B 562 22.33 29.76 -27.94
CA ILE B 562 23.66 30.29 -28.16
C ILE B 562 23.93 30.54 -29.65
N GLU B 563 23.71 29.52 -30.48
CA GLU B 563 23.99 29.60 -31.91
C GLU B 563 22.77 29.18 -32.69
N GLN B 564 22.41 29.95 -33.71
CA GLN B 564 21.34 29.61 -34.63
C GLN B 564 21.86 29.75 -36.05
N GLY B 565 21.61 28.74 -36.88
CA GLY B 565 22.06 28.78 -38.26
C GLY B 565 21.84 27.43 -38.91
N ARG B 566 22.12 27.40 -40.21
CA ARG B 566 21.97 26.18 -40.98
C ARG B 566 23.11 25.21 -40.67
N TYR B 567 22.94 23.96 -41.12
CA TYR B 567 23.91 22.92 -40.80
C TYR B 567 25.28 23.24 -41.39
N ALA B 568 25.31 23.71 -42.65
CA ALA B 568 26.58 24.01 -43.29
C ALA B 568 27.32 25.14 -42.58
N GLU B 569 26.59 26.19 -42.18
CA GLU B 569 27.23 27.35 -41.56
C GLU B 569 27.62 27.06 -40.11
N LEU B 570 27.01 26.07 -39.49
CA LEU B 570 27.18 25.84 -38.06
C LEU B 570 28.08 24.64 -37.74
N SER B 571 28.35 23.77 -38.71
CA SER B 571 29.24 22.64 -38.48
C SER B 571 30.71 23.02 -38.62
N VAL B 572 31.02 24.25 -39.01
CA VAL B 572 32.39 24.69 -39.18
C VAL B 572 32.78 25.83 -38.25
N ALA B 573 31.83 26.61 -37.75
CA ALA B 573 32.14 27.80 -36.96
C ALA B 573 32.85 27.47 -35.65
N GLY B 574 32.80 26.22 -35.19
CA GLY B 574 33.55 25.83 -34.01
C GLY B 574 32.87 26.14 -32.69
N GLY B 575 31.56 26.32 -32.68
CA GLY B 575 30.83 26.62 -31.47
C GLY B 575 30.47 25.36 -30.70
N PRO B 576 29.52 25.47 -29.77
CA PRO B 576 29.08 24.28 -29.02
C PRO B 576 28.55 23.17 -29.91
N PHE B 577 27.93 23.51 -31.03
CA PHE B 577 27.46 22.49 -31.96
C PHE B 577 28.63 21.69 -32.52
N ALA B 578 29.76 22.36 -32.76
CA ALA B 578 30.96 21.65 -33.19
C ALA B 578 31.41 20.64 -32.14
N THR B 579 31.37 21.03 -30.87
CA THR B 579 31.73 20.11 -29.80
C THR B 579 30.77 18.93 -29.74
N LEU B 580 29.47 19.20 -29.91
CA LEU B 580 28.49 18.11 -29.86
C LEU B 580 28.72 17.13 -31.00
N LEU B 581 28.91 17.64 -32.23
CA LEU B 581 29.14 16.74 -33.36
C LEU B 581 30.46 16.00 -33.22
N ALA B 582 31.48 16.66 -32.65
CA ALA B 582 32.76 15.98 -32.43
C ALA B 582 32.60 14.85 -31.43
N HIS B 583 31.84 15.07 -30.36
CA HIS B 583 31.61 14.01 -29.38
C HIS B 583 30.84 12.85 -30.00
N ARG B 584 29.81 13.16 -30.80
CA ARG B 584 29.03 12.09 -31.44
C ARG B 584 29.89 11.31 -32.42
N GLN B 585 30.81 11.99 -33.13
CA GLN B 585 31.71 11.30 -34.03
C GLN B 585 32.74 10.47 -33.26
N GLU B 586 33.19 10.96 -32.11
CA GLU B 586 34.11 10.20 -31.28
C GLU B 586 33.43 9.00 -30.63
N GLU B 587 32.10 9.00 -30.55
CA GLU B 587 31.39 7.81 -30.08
C GLU B 587 31.70 6.60 -30.95
N ILE B 588 31.85 6.79 -32.25
CA ILE B 588 32.31 5.73 -33.15
C ILE B 588 33.41 6.24 -34.06
CHA HEM C . -6.99 -2.64 21.07
CHB HEM C . -3.13 0.19 20.67
CHC HEM C . -1.51 -2.59 17.06
CHD HEM C . -5.21 -5.56 17.69
C1A HEM C . -6.11 -1.61 21.16
C2A HEM C . -6.39 -0.44 21.85
C3A HEM C . -5.32 0.36 21.75
C4A HEM C . -4.37 -0.32 21.00
CMA HEM C . -5.17 1.73 22.33
CAA HEM C . -7.69 -0.20 22.53
CBA HEM C . -7.57 -0.25 24.04
CGA HEM C . -8.85 0.33 24.55
O1A HEM C . -9.93 -0.01 24.02
O2A HEM C . -8.84 1.17 25.47
C1B HEM C . -2.38 -0.35 19.65
C2B HEM C . -1.18 0.23 19.24
C3B HEM C . -0.71 -0.53 18.23
C4B HEM C . -1.68 -1.61 18.03
CMB HEM C . -0.53 1.46 19.81
CAB HEM C . 0.52 -0.35 17.47
CBB HEM C . 1.45 -1.28 17.60
C1C HEM C . -2.33 -3.67 16.97
C2C HEM C . -2.10 -4.82 16.20
C3C HEM C . -3.15 -5.65 16.40
C4C HEM C . -4.05 -5.01 17.28
CMC HEM C . -0.90 -5.08 15.33
CAC HEM C . -3.34 -6.95 15.79
CBC HEM C . -4.15 -7.03 14.76
C1D HEM C . -5.97 -4.96 18.69
C2D HEM C . -7.19 -5.59 19.15
C3D HEM C . -7.69 -4.78 20.08
C4D HEM C . -6.76 -3.67 20.19
CMD HEM C . -7.73 -6.88 18.64
CAD HEM C . -8.94 -4.94 20.93
CBD HEM C . -10.21 -5.04 20.11
CGD HEM C . -10.10 -4.10 18.96
O1D HEM C . -10.07 -4.56 17.79
O2D HEM C . -10.03 -2.88 19.16
NA HEM C . -4.86 -1.52 20.64
NB HEM C . -2.65 -1.43 18.91
NC HEM C . -3.52 -3.81 17.60
ND HEM C . -5.75 -3.82 19.33
FE HEM C . -4.32 -2.66 19.12
#